data_6Q8B
#
_entry.id   6Q8B
#
_cell.length_a   49.059
_cell.length_b   81.998
_cell.length_c   226.159
_cell.angle_alpha   90.000
_cell.angle_beta   90.000
_cell.angle_gamma   90.000
#
_symmetry.space_group_name_H-M   'P 21 21 21'
#
loop_
_entity.id
_entity.type
_entity.pdbx_description
1 polymer 'Leucine--tRNA ligase'
2 non-polymer '[(2~{R},3~{S},4~{R},5~{R})-5-[3-methyl-2,4-bis(oxidanylidene)pyrimidin-1-yl]-3,4-bis(oxidanyl)oxolan-2-yl]methyl ~{N}-[(2~{S})-2-azanyl-4-methyl-pentanoyl]sulfamate'
3 non-polymer 'ZINC ION'
4 non-polymer 1,2-ETHANEDIOL
5 non-polymer 'MAGNESIUM ION'
6 water water
#
_entity_poly.entity_id   1
_entity_poly.type   'polypeptide(L)'
_entity_poly.pdbx_seq_one_letter_code
;GMQEHYQPAAIEPAAQKKWDDARISNVSEDASKPKYYCLSMFPYPSGKLHMGHVRNYTIGDVLSRFKLLNGFNVMQPMGW
DAFGMPAENAAMKNNVAPAAWTYDNIEYMKTQLKSLGFAVDWEREVATCKPEYYRWEQWLFTKLFEKGIVYRKNGTVNWD
PVDQTVLANEQVIDGRGWRSGALIEKREIPMYYFKITDYAEELLNDLDKLEHWPEQVKTMQRNWIGKSRGMTVRFAVSDD
SKQGLEGDYAKFLQVYTTRPDTLMGATYVAVAAEHPLATAAAADKPELQAFIAECKAGSVAEADMATMEKKGVPTGRYVV
NPLNGDKLEVWIANYVLWGYGDGAVMAVPAHDERDFEFAAKYNLPKKQVIAVGDNAFDANRWQEWYGDKENGVLVNSGDL
DGLDFQTAFDAVAAKLQSQGAGEPKTQYRLRDWGISRQRYWGCPIPIVHCEKCGNVPVPADQLPVVLPENVVPDGMGSPL
AKMPEFYETSCPCCGGAAKRETDTMDTFIESSWYFFRYMSPKFSDGMVSAESAKYWGAVDQYIGGIEHAILHLLYARFFT
KLMRDEGLVNVDEPFERLLTQGMVVCETYYRENDKGGKDWINPADVELTFDDKGRPVSAVLKADGLPVVISGTEKMSKSK
NNGVDPQELINAYGADTARLFMMFAAPPEQSLEWSDSGVEGAHRFLRRLWRTVYEYLKQGGAVKAFAGNQDGLSKELKDL
RHKLHSTTAKVSDDYGRRQQFNTAIAAVMELLNQYDKTDTGSEQGRAVAQEVLEAAVRLLWPIVPHICETLWSELNGAKL
WEAGWPTVDEAALVKSEIEVMVQVNGKLRGKITVAADASKADLEAAALANEGAVKFMEGKPAKKIIVVPGRLVNIVV
;
_entity_poly.pdbx_strand_id   A
#
loop_
_chem_comp.id
_chem_comp.type
_chem_comp.name
_chem_comp.formula
EDO non-polymer 1,2-ETHANEDIOL 'C2 H6 O2'
L3U non-polymer '[(2~{R},3~{S},4~{R},5~{R})-5-[3-methyl-2,4-bis(oxidanylidene)pyrimidin-1-yl]-3,4-bis(oxidanyl)oxolan-2-yl]methyl ~{N}-[(2~{S})-2-azanyl-4-methyl-pentanoyl]sulfamate' 'C16 H26 N4 O9 S'
MG non-polymer 'MAGNESIUM ION' 'Mg 2'
ZN non-polymer 'ZINC ION' 'Zn 2'
#
# COMPACT_ATOMS: atom_id res chain seq x y z
N MET A 2 -27.28 25.11 27.29
CA MET A 2 -26.82 23.79 26.87
C MET A 2 -27.80 22.69 27.29
N GLN A 3 -28.27 21.91 26.32
CA GLN A 3 -29.06 20.72 26.62
C GLN A 3 -28.26 19.77 27.50
N GLU A 4 -28.97 19.00 28.31
CA GLU A 4 -28.28 18.18 29.30
C GLU A 4 -27.85 16.81 28.77
N HIS A 5 -28.60 16.22 27.85
CA HIS A 5 -28.29 14.87 27.37
C HIS A 5 -27.70 14.91 25.97
N TYR A 6 -26.65 14.11 25.76
CA TYR A 6 -25.98 14.02 24.46
C TYR A 6 -26.92 13.45 23.41
N GLN A 7 -27.16 14.22 22.33
CA GLN A 7 -28.11 13.86 21.28
C GLN A 7 -27.42 13.93 19.92
N PRO A 8 -26.67 12.89 19.55
CA PRO A 8 -25.85 12.98 18.32
C PRO A 8 -26.68 13.22 17.07
N ALA A 9 -27.84 12.56 16.96
CA ALA A 9 -28.70 12.80 15.80
C ALA A 9 -29.16 14.25 15.72
N ALA A 10 -29.09 15.00 16.82
CA ALA A 10 -29.33 16.44 16.78
C ALA A 10 -28.07 17.23 16.40
N ILE A 11 -26.95 17.00 17.08
CA ILE A 11 -25.82 17.92 16.92
C ILE A 11 -24.97 17.62 15.69
N GLU A 12 -24.96 16.37 15.20
CA GLU A 12 -24.03 16.07 14.09
C GLU A 12 -24.40 16.81 12.81
N PRO A 13 -25.63 16.75 12.29
CA PRO A 13 -25.95 17.55 11.09
C PRO A 13 -25.75 19.05 11.29
N ALA A 14 -26.03 19.58 12.49
CA ALA A 14 -25.78 20.99 12.75
C ALA A 14 -24.30 21.33 12.67
N ALA A 15 -23.44 20.44 13.18
CA ALA A 15 -22.01 20.71 13.11
C ALA A 15 -21.50 20.60 11.66
N GLN A 16 -21.96 19.61 10.91
CA GLN A 16 -21.54 19.49 9.53
C GLN A 16 -21.99 20.69 8.70
N LYS A 17 -23.22 21.16 8.94
CA LYS A 17 -23.70 22.39 8.32
C LYS A 17 -22.81 23.58 8.67
N LYS A 18 -22.38 23.68 9.93
CA LYS A 18 -21.49 24.76 10.32
C LYS A 18 -20.14 24.69 9.60
N TRP A 19 -19.58 23.48 9.39
CA TRP A 19 -18.27 23.41 8.75
C TRP A 19 -18.36 23.72 7.27
N ASP A 20 -19.41 23.22 6.61
CA ASP A 20 -19.61 23.53 5.21
C ASP A 20 -19.81 25.02 4.98
N ASP A 21 -20.64 25.66 5.82
CA ASP A 21 -20.88 27.09 5.67
C ASP A 21 -19.58 27.87 5.76
N ALA A 22 -18.72 27.55 6.75
CA ALA A 22 -17.45 28.24 6.83
C ALA A 22 -16.44 27.77 5.78
N ARG A 23 -16.81 26.79 4.96
CA ARG A 23 -15.94 26.27 3.90
C ARG A 23 -14.57 25.83 4.44
N ILE A 24 -14.57 25.21 5.62
CA ILE A 24 -13.30 24.86 6.26
C ILE A 24 -12.50 23.88 5.41
N SER A 25 -13.16 23.01 4.67
CA SER A 25 -12.45 21.95 3.95
C SER A 25 -12.32 22.21 2.46
N ASN A 26 -12.94 23.28 1.96
CA ASN A 26 -12.74 23.70 0.58
C ASN A 26 -11.50 24.58 0.53
N VAL A 27 -10.47 24.15 -0.18
CA VAL A 27 -9.18 24.82 -0.10
C VAL A 27 -8.73 25.21 -1.50
N SER A 28 -7.91 26.25 -1.53
CA SER A 28 -7.27 26.77 -2.73
C SER A 28 -5.76 26.66 -2.56
N GLU A 29 -5.04 27.08 -3.60
CA GLU A 29 -3.57 27.11 -3.60
C GLU A 29 -3.10 28.35 -2.83
N ASP A 30 -3.34 28.32 -1.53
CA ASP A 30 -3.17 29.47 -0.64
C ASP A 30 -1.71 29.54 -0.21
N ALA A 31 -0.93 30.41 -0.88
CA ALA A 31 0.47 30.58 -0.55
C ALA A 31 0.67 31.13 0.85
N SER A 32 -0.38 31.67 1.47
CA SER A 32 -0.30 32.22 2.82
C SER A 32 -0.41 31.15 3.90
N LYS A 33 -0.50 29.88 3.53
CA LYS A 33 -0.65 28.81 4.49
C LYS A 33 0.17 27.62 4.02
N PRO A 34 0.82 26.91 4.94
CA PRO A 34 1.58 25.71 4.54
C PRO A 34 0.65 24.57 4.15
N LYS A 35 0.89 23.99 2.98
CA LYS A 35 0.02 22.96 2.45
C LYS A 35 0.20 21.65 3.20
N TYR A 36 -0.88 20.87 3.25
CA TYR A 36 -0.79 19.46 3.65
C TYR A 36 -1.82 18.68 2.84
N TYR A 37 -1.33 17.70 2.09
CA TYR A 37 -2.15 16.86 1.21
C TYR A 37 -2.24 15.49 1.87
N CYS A 38 -3.41 15.20 2.44
CA CYS A 38 -3.72 13.91 3.04
C CYS A 38 -4.71 13.22 2.12
N LEU A 39 -4.41 11.98 1.76
CA LEU A 39 -5.18 11.25 0.76
C LEU A 39 -5.48 9.84 1.25
N SER A 40 -6.75 9.44 1.17
CA SER A 40 -7.13 8.06 1.34
C SER A 40 -7.45 7.43 0.00
N MET A 41 -7.12 6.16 -0.16
CA MET A 41 -7.36 5.48 -1.43
C MET A 41 -8.85 5.51 -1.79
N PHE A 42 -9.17 6.15 -2.91
CA PHE A 42 -10.58 6.38 -3.26
C PHE A 42 -11.28 5.06 -3.63
N PRO A 43 -12.57 4.93 -3.32
CA PRO A 43 -13.24 3.63 -3.44
C PRO A 43 -13.85 3.41 -4.82
N TYR A 44 -14.01 2.11 -5.15
CA TYR A 44 -14.92 1.72 -6.22
C TYR A 44 -16.35 1.97 -5.76
N PRO A 45 -17.16 2.69 -6.56
CA PRO A 45 -18.60 2.88 -6.19
C PRO A 45 -19.41 1.63 -6.50
N SER A 46 -19.20 0.58 -5.70
CA SER A 46 -19.70 -0.75 -5.99
C SER A 46 -20.96 -1.11 -5.22
N GLY A 47 -21.47 -0.22 -4.38
CA GLY A 47 -22.60 -0.57 -3.55
C GLY A 47 -22.70 0.35 -2.35
N LYS A 48 -22.55 -0.22 -1.17
CA LYS A 48 -22.43 0.54 0.05
C LYS A 48 -21.01 0.38 0.57
N LEU A 49 -20.46 1.45 1.14
CA LEU A 49 -19.29 1.21 1.96
C LEU A 49 -19.69 0.42 3.19
N HIS A 50 -18.71 -0.23 3.83
CA HIS A 50 -18.95 -0.85 5.14
C HIS A 50 -17.90 -0.34 6.10
N MET A 51 -17.98 -0.83 7.36
CA MET A 51 -17.13 -0.27 8.41
C MET A 51 -15.65 -0.37 8.06
N GLY A 52 -15.29 -1.39 7.27
CA GLY A 52 -13.92 -1.52 6.82
C GLY A 52 -13.43 -0.28 6.09
N HIS A 53 -14.17 0.13 5.07
CA HIS A 53 -13.85 1.38 4.36
C HIS A 53 -13.88 2.56 5.29
N VAL A 54 -14.85 2.61 6.20
CA VAL A 54 -14.98 3.75 7.10
C VAL A 54 -13.75 3.88 8.00
N ARG A 55 -13.15 2.74 8.38
CA ARG A 55 -11.92 2.81 9.17
C ARG A 55 -10.84 3.58 8.42
N ASN A 56 -10.64 3.22 7.15
CA ASN A 56 -9.68 3.90 6.28
C ASN A 56 -9.92 5.40 6.23
N TYR A 57 -11.16 5.81 6.00
CA TYR A 57 -11.42 7.24 5.80
C TYR A 57 -11.47 8.00 7.13
N THR A 58 -11.83 7.32 8.22
CA THR A 58 -11.68 7.95 9.52
C THR A 58 -10.22 8.25 9.82
N ILE A 59 -9.33 7.31 9.52
CA ILE A 59 -7.90 7.55 9.81
C ILE A 59 -7.41 8.78 9.04
N GLY A 60 -7.75 8.86 7.75
CA GLY A 60 -7.36 10.03 6.98
C GLY A 60 -7.94 11.31 7.56
N ASP A 61 -9.19 11.27 8.00
CA ASP A 61 -9.81 12.46 8.58
C ASP A 61 -9.13 12.86 9.89
N VAL A 62 -8.70 11.88 10.70
CA VAL A 62 -8.01 12.20 11.94
C VAL A 62 -6.74 12.97 11.66
N LEU A 63 -5.93 12.49 10.72
CA LEU A 63 -4.68 13.15 10.38
C LEU A 63 -4.93 14.50 9.74
N SER A 64 -5.90 14.57 8.83
CA SER A 64 -6.27 15.83 8.20
C SER A 64 -6.64 16.89 9.24
N ARG A 65 -7.52 16.52 10.19
CA ARG A 65 -8.01 17.49 11.16
C ARG A 65 -6.93 17.86 12.17
N PHE A 66 -6.07 16.91 12.53
CA PHE A 66 -4.91 17.24 13.34
C PHE A 66 -4.07 18.35 12.67
N LYS A 67 -3.78 18.19 11.38
CA LYS A 67 -2.98 19.19 10.67
C LYS A 67 -3.76 20.49 10.48
N LEU A 68 -5.05 20.39 10.21
CA LEU A 68 -5.89 21.57 10.18
C LEU A 68 -5.72 22.41 11.46
N LEU A 69 -5.88 21.77 12.62
CA LEU A 69 -5.82 22.51 13.89
C LEU A 69 -4.45 23.08 14.14
N ASN A 70 -3.42 22.55 13.49
CA ASN A 70 -2.07 23.06 13.61
C ASN A 70 -1.73 24.11 12.55
N GLY A 71 -2.73 24.63 11.83
CA GLY A 71 -2.52 25.74 10.93
C GLY A 71 -2.20 25.39 9.48
N PHE A 72 -2.32 24.12 9.07
CA PHE A 72 -1.98 23.80 7.70
C PHE A 72 -3.18 24.08 6.78
N ASN A 73 -2.86 24.31 5.50
CA ASN A 73 -3.85 24.35 4.43
C ASN A 73 -4.05 22.92 3.93
N VAL A 74 -5.05 22.23 4.46
CA VAL A 74 -5.19 20.79 4.28
C VAL A 74 -6.10 20.48 3.09
N MET A 75 -5.60 19.67 2.16
CA MET A 75 -6.43 19.15 1.09
C MET A 75 -6.68 17.69 1.39
N GLN A 76 -7.94 17.34 1.63
CA GLN A 76 -8.33 15.94 1.81
C GLN A 76 -9.38 15.64 0.76
N PRO A 77 -8.98 15.20 -0.43
CA PRO A 77 -9.90 15.04 -1.55
C PRO A 77 -10.51 13.64 -1.62
N MET A 78 -11.68 13.58 -2.25
CA MET A 78 -12.43 12.35 -2.36
C MET A 78 -12.93 12.20 -3.78
N GLY A 79 -13.22 10.96 -4.17
CA GLY A 79 -13.49 10.69 -5.57
C GLY A 79 -13.85 9.24 -5.74
N TRP A 80 -14.14 8.88 -6.99
CA TRP A 80 -14.73 7.59 -7.33
C TRP A 80 -13.92 6.92 -8.43
N ASP A 81 -13.38 5.75 -8.11
CA ASP A 81 -12.63 4.86 -9.01
C ASP A 81 -13.66 4.00 -9.74
N ALA A 82 -14.24 4.56 -10.79
CA ALA A 82 -15.57 4.16 -11.23
C ALA A 82 -15.60 3.11 -12.34
N PHE A 83 -14.52 2.95 -13.09
CA PHE A 83 -14.54 1.93 -14.13
C PHE A 83 -14.32 0.54 -13.53
N GLY A 84 -14.60 -0.48 -14.33
CA GLY A 84 -14.18 -1.82 -14.02
C GLY A 84 -15.34 -2.79 -13.91
N MET A 85 -15.02 -3.97 -13.39
CA MET A 85 -15.92 -5.12 -13.48
C MET A 85 -17.17 -5.02 -12.60
N PRO A 86 -17.08 -4.59 -11.31
CA PRO A 86 -18.30 -4.48 -10.48
C PRO A 86 -19.57 -4.03 -11.21
N ALA A 87 -19.49 -2.95 -11.98
CA ALA A 87 -20.68 -2.44 -12.65
C ALA A 87 -21.12 -3.35 -13.78
N GLU A 88 -20.18 -4.05 -14.41
CA GLU A 88 -20.54 -4.90 -15.53
C GLU A 88 -21.26 -6.16 -15.05
N ASN A 89 -20.88 -6.68 -13.89
CA ASN A 89 -21.66 -7.74 -13.25
C ASN A 89 -23.07 -7.26 -12.96
N ALA A 90 -23.19 -6.11 -12.29
CA ALA A 90 -24.51 -5.55 -12.00
C ALA A 90 -25.25 -5.18 -13.28
N ALA A 91 -24.53 -4.87 -14.35
CA ALA A 91 -25.17 -4.61 -15.64
C ALA A 91 -25.80 -5.87 -16.20
N MET A 92 -25.07 -6.98 -16.15
CA MET A 92 -25.66 -8.27 -16.47
C MET A 92 -26.68 -8.68 -15.41
N LYS A 93 -26.36 -8.47 -14.14
CA LYS A 93 -27.20 -8.99 -13.06
C LYS A 93 -28.58 -8.33 -13.07
N ASN A 94 -28.62 -7.00 -13.08
CA ASN A 94 -29.87 -6.27 -12.87
C ASN A 94 -30.45 -5.68 -14.15
N ASN A 95 -29.85 -5.97 -15.31
CA ASN A 95 -30.30 -5.40 -16.59
C ASN A 95 -30.36 -3.88 -16.51
N VAL A 96 -29.18 -3.29 -16.25
CA VAL A 96 -29.03 -1.86 -16.02
C VAL A 96 -27.70 -1.43 -16.62
N ALA A 97 -27.68 -0.22 -17.16
CA ALA A 97 -26.44 0.32 -17.70
C ALA A 97 -25.40 0.43 -16.58
N PRO A 98 -24.13 0.13 -16.88
CA PRO A 98 -23.10 0.35 -15.85
C PRO A 98 -22.95 1.80 -15.45
N ALA A 99 -23.09 2.74 -16.39
CA ALA A 99 -23.05 4.15 -16.00
C ALA A 99 -24.16 4.47 -15.02
N ALA A 100 -25.40 4.12 -15.36
CA ALA A 100 -26.53 4.41 -14.48
C ALA A 100 -26.30 3.81 -13.11
N TRP A 101 -25.86 2.56 -13.07
CA TRP A 101 -25.63 1.90 -11.80
C TRP A 101 -24.47 2.55 -11.05
N THR A 102 -23.45 3.03 -11.78
CA THR A 102 -22.32 3.67 -11.13
C THR A 102 -22.73 5.01 -10.51
N TYR A 103 -23.41 5.86 -11.26
CA TYR A 103 -23.76 7.19 -10.73
C TYR A 103 -24.71 7.06 -9.53
N ASP A 104 -25.65 6.11 -9.61
CA ASP A 104 -26.51 5.84 -8.46
C ASP A 104 -25.68 5.48 -7.24
N ASN A 105 -24.70 4.60 -7.44
CA ASN A 105 -23.82 4.20 -6.34
C ASN A 105 -23.09 5.40 -5.75
N ILE A 106 -22.60 6.29 -6.61
CA ILE A 106 -21.82 7.43 -6.15
C ILE A 106 -22.64 8.28 -5.20
N GLU A 107 -23.92 8.48 -5.53
CA GLU A 107 -24.78 9.33 -4.71
C GLU A 107 -25.04 8.71 -3.35
N TYR A 108 -25.30 7.41 -3.30
CA TYR A 108 -25.49 6.77 -2.00
C TYR A 108 -24.24 6.90 -1.16
N MET A 109 -23.07 6.66 -1.77
CA MET A 109 -21.87 6.62 -0.96
C MET A 109 -21.41 8.01 -0.57
N LYS A 110 -21.60 9.01 -1.43
CA LYS A 110 -21.31 10.39 -1.04
C LYS A 110 -22.08 10.78 0.22
N THR A 111 -23.39 10.45 0.27
CA THR A 111 -24.16 10.81 1.46
C THR A 111 -23.72 9.99 2.66
N GLN A 112 -23.43 8.69 2.45
CA GLN A 112 -22.79 7.89 3.49
C GLN A 112 -21.57 8.61 4.06
N LEU A 113 -20.67 9.07 3.19
CA LEU A 113 -19.44 9.72 3.64
C LEU A 113 -19.72 11.05 4.32
N LYS A 114 -20.61 11.85 3.74
CA LYS A 114 -20.88 13.17 4.28
C LYS A 114 -21.50 13.09 5.66
N SER A 115 -22.28 12.03 5.91
CA SER A 115 -22.88 11.81 7.21
C SER A 115 -21.85 11.43 8.28
N LEU A 116 -20.70 10.88 7.90
CA LEU A 116 -19.65 10.61 8.88
C LEU A 116 -18.85 11.85 9.26
N GLY A 117 -19.07 12.99 8.57
CA GLY A 117 -18.42 14.23 8.95
C GLY A 117 -16.96 14.36 8.59
N PHE A 118 -16.53 13.74 7.48
CA PHE A 118 -15.14 13.83 7.07
C PHE A 118 -14.84 15.20 6.47
N ALA A 119 -13.67 15.75 6.80
CA ALA A 119 -13.31 17.11 6.39
C ALA A 119 -12.81 17.12 4.93
N VAL A 120 -13.74 16.94 4.01
CA VAL A 120 -13.40 16.60 2.63
C VAL A 120 -13.70 17.80 1.74
N ASP A 121 -12.76 18.14 0.85
CA ASP A 121 -13.01 19.15 -0.18
C ASP A 121 -13.80 18.51 -1.33
N TRP A 122 -15.12 18.55 -1.20
CA TRP A 122 -16.00 18.03 -2.23
C TRP A 122 -15.98 18.84 -3.50
N GLU A 123 -15.39 20.05 -3.51
CA GLU A 123 -15.30 20.75 -4.77
C GLU A 123 -14.22 20.17 -5.69
N ARG A 124 -13.41 19.24 -5.19
CA ARG A 124 -12.36 18.58 -5.94
C ARG A 124 -12.73 17.14 -6.25
N GLU A 125 -13.97 16.76 -5.97
CA GLU A 125 -14.46 15.41 -6.26
C GLU A 125 -14.30 15.08 -7.74
N VAL A 126 -13.81 13.87 -8.03
CA VAL A 126 -13.70 13.37 -9.40
C VAL A 126 -14.40 12.02 -9.49
N ALA A 127 -14.99 11.76 -10.66
CA ALA A 127 -15.48 10.43 -10.99
C ALA A 127 -14.75 9.98 -12.25
N THR A 128 -14.03 8.86 -12.14
CA THR A 128 -13.09 8.53 -13.21
C THR A 128 -13.76 8.04 -14.48
N CYS A 129 -15.03 7.68 -14.43
CA CYS A 129 -15.76 7.30 -15.63
C CYS A 129 -16.25 8.51 -16.43
N LYS A 130 -15.89 9.74 -16.05
CA LYS A 130 -16.38 10.90 -16.80
C LYS A 130 -15.35 11.35 -17.81
N PRO A 131 -15.80 11.77 -18.99
CA PRO A 131 -14.85 12.14 -20.05
C PRO A 131 -13.92 13.27 -19.67
N GLU A 132 -14.35 14.20 -18.82
CA GLU A 132 -13.43 15.23 -18.39
C GLU A 132 -12.27 14.66 -17.58
N TYR A 133 -12.43 13.49 -16.97
CA TYR A 133 -11.28 12.82 -16.37
C TYR A 133 -10.52 12.01 -17.41
N TYR A 134 -11.17 11.00 -18.00
CA TYR A 134 -10.37 9.99 -18.70
C TYR A 134 -9.77 10.51 -20.00
N ARG A 135 -10.26 11.64 -20.54
CA ARG A 135 -9.60 12.23 -21.70
C ARG A 135 -8.11 12.46 -21.47
N TRP A 136 -7.71 12.78 -20.24
CA TRP A 136 -6.32 13.11 -19.97
C TRP A 136 -5.43 11.88 -19.91
N GLU A 137 -5.98 10.73 -19.52
CA GLU A 137 -5.15 9.54 -19.64
C GLU A 137 -5.12 9.03 -21.08
N GLN A 138 -6.18 9.27 -21.87
CA GLN A 138 -6.06 9.06 -23.32
C GLN A 138 -4.97 9.96 -23.91
N TRP A 139 -4.95 11.23 -23.51
CA TRP A 139 -3.91 12.14 -24.01
C TRP A 139 -2.50 11.61 -23.69
N LEU A 140 -2.25 11.23 -22.44
CA LEU A 140 -0.94 10.70 -22.09
C LEU A 140 -0.62 9.45 -22.89
N PHE A 141 -1.60 8.55 -23.05
CA PHE A 141 -1.41 7.37 -23.89
C PHE A 141 -0.87 7.76 -25.28
N THR A 142 -1.52 8.73 -25.94
CA THR A 142 -1.09 9.09 -27.30
C THR A 142 0.31 9.70 -27.29
N LYS A 143 0.62 10.53 -26.30
CA LYS A 143 1.97 11.09 -26.22
C LYS A 143 3.01 9.99 -26.03
N LEU A 144 2.75 9.04 -25.13
CA LEU A 144 3.73 7.98 -24.90
C LEU A 144 3.79 7.00 -26.09
N PHE A 145 2.65 6.76 -26.73
CA PHE A 145 2.62 5.91 -27.91
C PHE A 145 3.55 6.45 -29.00
N GLU A 146 3.49 7.75 -29.24
CA GLU A 146 4.35 8.42 -30.21
C GLU A 146 5.84 8.24 -29.86
N LYS A 147 6.19 8.28 -28.59
CA LYS A 147 7.56 8.05 -28.17
C LYS A 147 7.93 6.58 -28.06
N GLY A 148 6.99 5.66 -28.31
CA GLY A 148 7.27 4.25 -28.11
C GLY A 148 7.23 3.77 -26.67
N ILE A 149 6.91 4.63 -25.70
CA ILE A 149 6.76 4.17 -24.31
C ILE A 149 5.52 3.28 -24.16
N VAL A 150 4.49 3.55 -24.95
CA VAL A 150 3.37 2.63 -25.14
C VAL A 150 3.55 2.04 -26.52
N TYR A 151 3.42 0.72 -26.63
CA TYR A 151 3.58 0.08 -27.95
C TYR A 151 2.55 -1.01 -28.07
N ARG A 152 2.39 -1.49 -29.31
CA ARG A 152 1.44 -2.53 -29.66
C ARG A 152 2.21 -3.79 -30.05
N LYS A 153 1.70 -4.95 -29.65
CA LYS A 153 2.46 -6.17 -29.75
C LYS A 153 1.54 -7.34 -29.45
N ASN A 154 1.75 -8.46 -30.14
CA ASN A 154 0.97 -9.66 -29.90
C ASN A 154 1.23 -10.20 -28.50
N GLY A 155 0.16 -10.47 -27.76
CA GLY A 155 0.27 -11.19 -26.51
C GLY A 155 -0.75 -12.32 -26.45
N THR A 156 -0.48 -13.26 -25.58
CA THR A 156 -1.33 -14.44 -25.46
C THR A 156 -2.34 -14.24 -24.34
N VAL A 157 -3.60 -14.58 -24.61
CA VAL A 157 -4.68 -14.39 -23.65
C VAL A 157 -5.47 -15.69 -23.51
N ASN A 158 -6.31 -15.72 -22.48
CA ASN A 158 -7.16 -16.86 -22.16
C ASN A 158 -8.52 -16.68 -22.82
N TRP A 159 -8.78 -17.44 -23.88
CA TRP A 159 -10.05 -17.37 -24.60
C TRP A 159 -10.97 -18.50 -24.17
N ASP A 160 -12.14 -18.14 -23.63
CA ASP A 160 -13.21 -19.08 -23.34
C ASP A 160 -14.12 -19.17 -24.56
N PRO A 161 -14.19 -20.32 -25.26
CA PRO A 161 -15.02 -20.39 -26.47
C PRO A 161 -16.52 -20.45 -26.22
N VAL A 162 -16.98 -20.69 -25.00
CA VAL A 162 -18.42 -20.81 -24.78
C VAL A 162 -18.97 -19.42 -24.51
N ASP A 163 -18.46 -18.78 -23.46
CA ASP A 163 -18.80 -17.40 -23.15
C ASP A 163 -18.34 -16.42 -24.24
N GLN A 164 -17.38 -16.82 -25.08
CA GLN A 164 -16.80 -15.94 -26.10
C GLN A 164 -16.32 -14.62 -25.49
N THR A 165 -15.48 -14.74 -24.47
CA THR A 165 -14.87 -13.61 -23.81
C THR A 165 -13.48 -14.01 -23.36
N VAL A 166 -12.64 -13.00 -23.15
CA VAL A 166 -11.29 -13.21 -22.65
C VAL A 166 -11.34 -13.32 -21.13
N LEU A 167 -10.64 -14.30 -20.58
CA LEU A 167 -10.70 -14.58 -19.15
C LEU A 167 -9.39 -14.18 -18.49
N ALA A 168 -9.49 -13.69 -17.27
CA ALA A 168 -8.33 -13.49 -16.42
C ALA A 168 -7.91 -14.81 -15.80
N ASN A 169 -6.60 -14.96 -15.56
CA ASN A 169 -6.07 -16.20 -14.99
C ASN A 169 -6.76 -16.58 -13.69
N GLU A 170 -7.23 -15.57 -12.94
CA GLU A 170 -8.01 -15.88 -11.75
C GLU A 170 -9.25 -16.68 -12.10
N GLN A 171 -9.85 -16.40 -13.26
CA GLN A 171 -11.04 -17.12 -13.69
C GLN A 171 -10.71 -18.36 -14.54
N VAL A 172 -9.50 -18.89 -14.41
CA VAL A 172 -9.08 -20.08 -15.17
C VAL A 172 -8.71 -21.14 -14.13
N ILE A 173 -9.65 -22.02 -13.82
CA ILE A 173 -9.50 -23.02 -12.77
C ILE A 173 -9.27 -24.38 -13.43
N ASP A 174 -8.12 -24.98 -13.11
CA ASP A 174 -7.77 -26.34 -13.56
C ASP A 174 -7.85 -26.49 -15.08
N GLY A 175 -7.52 -25.42 -15.80
CA GLY A 175 -7.45 -25.45 -17.24
C GLY A 175 -8.71 -24.96 -17.95
N ARG A 176 -9.79 -24.71 -17.22
CA ARG A 176 -11.08 -24.38 -17.80
C ARG A 176 -11.62 -23.09 -17.21
N GLY A 177 -12.64 -22.54 -17.86
CA GLY A 177 -13.19 -21.27 -17.42
C GLY A 177 -14.12 -21.40 -16.25
N TRP A 178 -14.26 -20.29 -15.51
CA TRP A 178 -15.09 -20.23 -14.32
C TRP A 178 -16.57 -20.48 -14.63
N ARG A 179 -17.25 -19.49 -15.23
CA ARG A 179 -18.69 -19.60 -15.49
C ARG A 179 -19.05 -20.56 -16.63
N SER A 180 -18.09 -21.33 -17.16
CA SER A 180 -18.38 -22.22 -18.28
C SER A 180 -17.78 -23.61 -18.12
N GLY A 181 -16.66 -23.78 -17.45
CA GLY A 181 -16.02 -25.08 -17.43
C GLY A 181 -15.55 -25.56 -18.79
N ALA A 182 -15.43 -24.67 -19.77
CA ALA A 182 -14.93 -25.05 -21.08
C ALA A 182 -13.42 -24.88 -21.12
N LEU A 183 -12.76 -25.79 -21.82
CA LEU A 183 -11.30 -25.74 -21.86
C LEU A 183 -10.84 -24.42 -22.46
N ILE A 184 -9.89 -23.78 -21.78
CA ILE A 184 -9.38 -22.49 -22.22
C ILE A 184 -8.50 -22.67 -23.44
N GLU A 185 -8.72 -21.82 -24.45
CA GLU A 185 -7.84 -21.72 -25.61
C GLU A 185 -6.92 -20.51 -25.43
N LYS A 186 -5.61 -20.72 -25.52
CA LYS A 186 -4.64 -19.63 -25.50
C LYS A 186 -4.51 -19.01 -26.88
N ARG A 187 -4.71 -17.69 -26.97
CA ARG A 187 -4.77 -17.01 -28.27
C ARG A 187 -3.79 -15.85 -28.29
N GLU A 188 -3.14 -15.66 -29.44
CA GLU A 188 -2.24 -14.54 -29.66
C GLU A 188 -3.04 -13.40 -30.29
N ILE A 189 -3.14 -12.27 -29.59
CA ILE A 189 -3.88 -11.12 -30.10
C ILE A 189 -3.09 -9.85 -29.85
N PRO A 190 -3.24 -8.86 -30.72
CA PRO A 190 -2.49 -7.61 -30.55
C PRO A 190 -3.01 -6.84 -29.36
N MET A 191 -2.10 -6.38 -28.51
CA MET A 191 -2.44 -5.64 -27.30
C MET A 191 -1.43 -4.51 -27.09
N TYR A 192 -1.75 -3.63 -26.14
CA TYR A 192 -0.96 -2.43 -25.88
C TYR A 192 -0.24 -2.56 -24.55
N TYR A 193 0.98 -2.06 -24.49
CA TYR A 193 1.82 -2.23 -23.32
C TYR A 193 2.48 -0.92 -22.99
N PHE A 194 2.60 -0.64 -21.69
CA PHE A 194 3.49 0.40 -21.17
C PHE A 194 4.86 -0.23 -20.98
N LYS A 195 5.88 0.41 -21.53
CA LYS A 195 7.25 -0.09 -21.42
C LYS A 195 7.84 0.20 -20.04
N ILE A 196 7.21 -0.36 -19.01
CA ILE A 196 7.63 -0.03 -17.65
C ILE A 196 9.03 -0.55 -17.36
N THR A 197 9.48 -1.56 -18.11
CA THR A 197 10.83 -2.09 -17.92
C THR A 197 11.91 -1.06 -18.21
N ASP A 198 11.64 -0.09 -19.11
CA ASP A 198 12.59 1.00 -19.30
C ASP A 198 12.80 1.82 -18.03
N TYR A 199 11.88 1.77 -17.08
CA TYR A 199 11.99 2.56 -15.86
C TYR A 199 12.31 1.69 -14.64
N ALA A 200 12.69 0.43 -14.85
CA ALA A 200 12.82 -0.51 -13.74
C ALA A 200 13.87 -0.03 -12.75
N GLU A 201 15.01 0.44 -13.26
CA GLU A 201 16.11 0.86 -12.40
C GLU A 201 15.73 2.09 -11.57
N GLU A 202 15.05 3.05 -12.19
CA GLU A 202 14.53 4.20 -11.45
C GLU A 202 13.51 3.79 -10.41
N LEU A 203 12.54 2.93 -10.77
CA LEU A 203 11.50 2.54 -9.82
C LEU A 203 12.10 1.81 -8.62
N LEU A 204 13.14 1.01 -8.86
CA LEU A 204 13.80 0.27 -7.79
C LEU A 204 14.61 1.20 -6.90
N ASN A 205 15.49 2.01 -7.49
CA ASN A 205 16.41 2.79 -6.67
C ASN A 205 15.72 3.91 -5.93
N ASP A 206 14.67 4.50 -6.52
CA ASP A 206 13.97 5.57 -5.82
C ASP A 206 13.21 5.09 -4.58
N LEU A 207 13.00 3.79 -4.41
CA LEU A 207 12.42 3.31 -3.15
C LEU A 207 13.27 3.73 -1.98
N ASP A 208 14.58 3.83 -2.18
CA ASP A 208 15.48 4.19 -1.10
C ASP A 208 15.18 5.58 -0.55
N LYS A 209 14.62 6.47 -1.38
CA LYS A 209 14.23 7.80 -0.90
C LYS A 209 13.08 7.76 0.09
N LEU A 210 12.33 6.66 0.13
CA LEU A 210 11.03 6.64 0.83
C LEU A 210 11.22 6.19 2.29
N GLU A 211 11.88 7.05 3.06
CA GLU A 211 12.19 6.80 4.47
C GLU A 211 10.96 6.75 5.38
N HIS A 212 9.80 7.21 4.93
CA HIS A 212 8.59 7.18 5.74
C HIS A 212 7.52 6.22 5.18
N TRP A 213 7.99 5.21 4.43
CA TRP A 213 7.21 4.07 3.94
C TRP A 213 7.50 2.86 4.80
N PRO A 214 6.51 2.00 5.07
CA PRO A 214 6.81 0.76 5.80
C PRO A 214 7.79 -0.09 5.02
N GLU A 215 8.75 -0.69 5.74
CA GLU A 215 9.83 -1.42 5.06
C GLU A 215 9.29 -2.58 4.23
N GLN A 216 8.24 -3.27 4.72
CA GLN A 216 7.74 -4.42 3.97
C GLN A 216 7.12 -4.01 2.65
N VAL A 217 6.52 -2.81 2.58
CA VAL A 217 6.00 -2.35 1.31
C VAL A 217 7.13 -2.15 0.31
N LYS A 218 8.21 -1.52 0.76
CA LYS A 218 9.37 -1.35 -0.10
C LYS A 218 9.97 -2.69 -0.48
N THR A 219 10.02 -3.63 0.48
CA THR A 219 10.54 -4.96 0.17
C THR A 219 9.68 -5.68 -0.86
N MET A 220 8.37 -5.61 -0.73
CA MET A 220 7.52 -6.23 -1.75
C MET A 220 7.75 -5.59 -3.11
N GLN A 221 7.92 -4.28 -3.17
CA GLN A 221 8.18 -3.67 -4.47
C GLN A 221 9.54 -4.11 -5.03
N ARG A 222 10.59 -4.10 -4.20
CA ARG A 222 11.89 -4.53 -4.72
C ARG A 222 11.82 -5.96 -5.26
N ASN A 223 11.09 -6.83 -4.57
CA ASN A 223 11.03 -8.22 -5.02
C ASN A 223 10.20 -8.35 -6.28
N TRP A 224 9.15 -7.52 -6.42
CA TRP A 224 8.34 -7.55 -7.62
C TRP A 224 9.14 -7.11 -8.82
N ILE A 225 9.87 -6.01 -8.69
CA ILE A 225 10.77 -5.60 -9.76
C ILE A 225 11.82 -6.66 -10.00
N GLY A 226 12.40 -7.20 -8.94
CA GLY A 226 13.20 -8.40 -9.04
C GLY A 226 14.49 -8.24 -9.83
N LYS A 227 15.25 -7.18 -9.55
CA LYS A 227 16.55 -7.00 -10.17
C LYS A 227 17.53 -8.11 -9.74
N SER A 228 18.35 -8.54 -10.68
CA SER A 228 19.44 -9.44 -10.31
C SER A 228 20.64 -9.08 -11.15
N ARG A 229 21.83 -9.20 -10.58
CA ARG A 229 23.07 -9.05 -11.31
C ARG A 229 23.66 -10.44 -11.41
N GLY A 230 23.75 -10.96 -12.63
CA GLY A 230 24.21 -12.32 -12.84
C GLY A 230 25.10 -12.49 -14.06
N MET A 231 25.10 -13.69 -14.62
CA MET A 231 26.00 -14.04 -15.71
C MET A 231 25.26 -14.74 -16.82
N THR A 232 25.41 -14.24 -18.04
CA THR A 232 25.10 -15.04 -19.22
C THR A 232 26.24 -16.04 -19.42
N VAL A 233 25.89 -17.32 -19.57
CA VAL A 233 26.86 -18.39 -19.75
C VAL A 233 26.43 -19.25 -20.93
N ARG A 234 27.39 -19.61 -21.78
CA ARG A 234 27.14 -20.41 -22.98
C ARG A 234 27.81 -21.77 -22.83
N PHE A 235 27.08 -22.83 -23.16
CA PHE A 235 27.57 -24.20 -23.07
C PHE A 235 27.60 -24.76 -24.49
N ALA A 236 28.79 -25.09 -24.99
CA ALA A 236 28.91 -25.63 -26.32
C ALA A 236 28.09 -26.92 -26.47
N VAL A 237 27.27 -26.98 -27.51
CA VAL A 237 26.60 -28.23 -27.83
C VAL A 237 27.65 -29.27 -28.24
N SER A 238 27.49 -30.50 -27.77
CA SER A 238 28.41 -31.55 -28.14
C SER A 238 28.28 -31.89 -29.62
N ASP A 239 29.32 -32.54 -30.14
CA ASP A 239 29.30 -33.00 -31.52
C ASP A 239 28.20 -34.03 -31.75
N ASP A 240 27.92 -34.87 -30.75
CA ASP A 240 26.88 -35.89 -30.83
C ASP A 240 25.47 -35.35 -30.61
N SER A 241 25.31 -34.04 -30.38
CA SER A 241 24.01 -33.49 -30.01
C SER A 241 23.55 -32.36 -30.90
N LYS A 242 24.29 -32.06 -31.97
CA LYS A 242 23.89 -31.04 -32.93
C LYS A 242 22.71 -31.46 -33.81
N GLN A 243 22.21 -32.69 -33.65
CA GLN A 243 21.19 -33.24 -34.54
C GLN A 243 19.94 -32.36 -34.56
N GLY A 244 19.69 -31.71 -35.69
CA GLY A 244 18.46 -30.95 -35.89
C GLY A 244 18.54 -29.47 -35.62
N LEU A 245 19.67 -28.97 -35.11
CA LEU A 245 19.76 -27.60 -34.65
C LEU A 245 20.29 -26.68 -35.74
N GLU A 246 19.65 -25.53 -35.90
CA GLU A 246 20.05 -24.52 -36.87
C GLU A 246 20.53 -23.26 -36.17
N GLY A 247 21.45 -22.56 -36.83
CA GLY A 247 21.88 -21.27 -36.32
C GLY A 247 22.73 -21.39 -35.05
N ASP A 248 22.64 -20.35 -34.21
CA ASP A 248 23.43 -20.33 -32.99
C ASP A 248 23.00 -21.43 -32.01
N TYR A 249 21.81 -22.01 -32.19
CA TYR A 249 21.40 -23.12 -31.33
C TYR A 249 22.16 -24.40 -31.66
N ALA A 250 22.67 -24.52 -32.89
CA ALA A 250 23.56 -25.63 -33.19
C ALA A 250 24.93 -25.46 -32.54
N LYS A 251 25.25 -24.27 -32.06
CA LYS A 251 26.58 -23.98 -31.53
C LYS A 251 26.66 -24.06 -30.01
N PHE A 252 25.70 -23.49 -29.30
CA PHE A 252 25.86 -23.40 -27.86
C PHE A 252 24.48 -23.28 -27.22
N LEU A 253 24.41 -23.66 -25.95
CA LEU A 253 23.24 -23.45 -25.12
C LEU A 253 23.57 -22.33 -24.16
N GLN A 254 22.75 -21.28 -24.15
CA GLN A 254 23.02 -20.10 -23.35
C GLN A 254 22.02 -20.03 -22.20
N VAL A 255 22.52 -19.82 -20.99
CA VAL A 255 21.68 -19.64 -19.82
C VAL A 255 22.00 -18.31 -19.15
N TYR A 256 21.11 -17.89 -18.27
CA TYR A 256 21.36 -16.81 -17.33
C TYR A 256 21.41 -17.42 -15.93
N THR A 257 22.41 -17.03 -15.15
CA THR A 257 22.47 -17.50 -13.78
C THR A 257 22.84 -16.33 -12.88
N THR A 258 22.32 -16.34 -11.66
CA THR A 258 22.76 -15.39 -10.65
C THR A 258 23.81 -15.98 -9.72
N ARG A 259 24.18 -17.25 -9.91
CA ARG A 259 25.26 -17.87 -9.15
C ARG A 259 26.34 -18.41 -10.08
N PRO A 260 26.99 -17.55 -10.86
CA PRO A 260 28.14 -18.03 -11.65
C PRO A 260 29.25 -18.58 -10.79
N ASP A 261 29.31 -18.20 -9.52
CA ASP A 261 30.30 -18.76 -8.59
C ASP A 261 30.13 -20.26 -8.36
N THR A 262 28.99 -20.83 -8.75
CA THR A 262 28.75 -22.26 -8.57
C THR A 262 28.77 -23.02 -9.89
N LEU A 263 29.25 -22.40 -10.96
CA LEU A 263 29.25 -23.04 -12.28
C LEU A 263 30.01 -24.36 -12.27
N MET A 264 30.97 -24.51 -11.37
CA MET A 264 31.75 -25.74 -11.29
C MET A 264 30.95 -26.88 -10.68
N GLY A 265 29.80 -26.57 -10.08
CA GLY A 265 28.92 -27.59 -9.52
C GLY A 265 27.67 -27.86 -10.32
N ALA A 266 27.58 -27.39 -11.56
CA ALA A 266 26.41 -27.69 -12.37
C ALA A 266 26.47 -29.14 -12.82
N THR A 267 25.36 -29.86 -12.67
CA THR A 267 25.32 -31.28 -12.96
C THR A 267 24.30 -31.65 -14.03
N TYR A 268 23.50 -30.70 -14.49
CA TYR A 268 22.66 -30.87 -15.67
C TYR A 268 22.16 -29.47 -16.00
N VAL A 269 21.49 -29.36 -17.16
CA VAL A 269 20.94 -28.10 -17.62
C VAL A 269 19.49 -28.36 -18.00
N ALA A 270 18.71 -27.30 -18.08
CA ALA A 270 17.27 -27.44 -18.27
C ALA A 270 16.78 -26.36 -19.23
N VAL A 271 15.93 -26.77 -20.17
CA VAL A 271 15.41 -25.85 -21.18
C VAL A 271 13.89 -25.89 -21.15
N ALA A 272 13.31 -24.80 -21.66
CA ALA A 272 11.86 -24.70 -21.77
C ALA A 272 11.36 -25.62 -22.88
N ALA A 273 10.08 -25.98 -22.77
CA ALA A 273 9.45 -26.86 -23.76
C ALA A 273 9.61 -26.31 -25.18
N GLU A 274 9.51 -24.99 -25.34
CA GLU A 274 9.59 -24.40 -26.66
C GLU A 274 11.01 -24.15 -27.12
N HIS A 275 12.01 -24.54 -26.34
CA HIS A 275 13.39 -24.32 -26.72
C HIS A 275 13.75 -25.20 -27.92
N PRO A 276 14.52 -24.67 -28.87
CA PRO A 276 14.90 -25.47 -30.04
C PRO A 276 15.53 -26.81 -29.71
N LEU A 277 16.36 -26.88 -28.67
CA LEU A 277 16.90 -28.17 -28.23
C LEU A 277 15.76 -29.14 -27.89
N ALA A 278 14.75 -28.65 -27.17
CA ALA A 278 13.61 -29.50 -26.84
C ALA A 278 12.94 -30.02 -28.11
N THR A 279 12.90 -29.20 -29.16
CA THR A 279 12.23 -29.64 -30.38
C THR A 279 13.05 -30.67 -31.13
N ALA A 280 14.36 -30.44 -31.25
CA ALA A 280 15.20 -31.39 -31.99
C ALA A 280 15.26 -32.73 -31.30
N ALA A 281 15.36 -32.75 -29.98
CA ALA A 281 15.34 -34.01 -29.25
C ALA A 281 14.00 -34.72 -29.40
N ALA A 282 12.91 -33.96 -29.36
CA ALA A 282 11.56 -34.53 -29.38
C ALA A 282 11.12 -34.99 -30.76
N ALA A 283 11.97 -34.87 -31.79
CA ALA A 283 11.56 -35.22 -33.14
C ALA A 283 11.23 -36.71 -33.27
N ASP A 284 12.17 -37.57 -32.89
CA ASP A 284 11.98 -39.01 -32.96
C ASP A 284 11.67 -39.63 -31.60
N LYS A 285 11.12 -38.84 -30.68
CA LYS A 285 10.93 -39.28 -29.29
C LYS A 285 9.52 -38.93 -28.85
N PRO A 286 8.59 -39.90 -28.87
CA PRO A 286 7.19 -39.59 -28.52
C PRO A 286 7.02 -39.16 -27.07
N GLU A 287 7.86 -39.65 -26.16
CA GLU A 287 7.75 -39.26 -24.76
C GLU A 287 8.00 -37.76 -24.58
N LEU A 288 8.99 -37.21 -25.27
CA LEU A 288 9.26 -35.78 -25.19
C LEU A 288 8.14 -34.97 -25.83
N GLN A 289 7.55 -35.49 -26.92
CA GLN A 289 6.43 -34.79 -27.57
C GLN A 289 5.30 -34.55 -26.59
N ALA A 290 4.95 -35.56 -25.80
CA ALA A 290 3.82 -35.42 -24.90
C ALA A 290 4.15 -34.53 -23.71
N PHE A 291 5.41 -34.52 -23.27
CA PHE A 291 5.81 -33.63 -22.19
C PHE A 291 5.82 -32.18 -22.64
N ILE A 292 6.32 -31.92 -23.86
CA ILE A 292 6.21 -30.59 -24.45
C ILE A 292 4.75 -30.15 -24.50
N ALA A 293 3.86 -31.07 -24.87
CA ALA A 293 2.45 -30.73 -24.98
C ALA A 293 1.86 -30.37 -23.62
N GLU A 294 2.16 -31.17 -22.59
CA GLU A 294 1.64 -30.88 -21.25
C GLU A 294 2.13 -29.53 -20.75
N CYS A 295 3.36 -29.16 -21.07
CA CYS A 295 3.89 -27.88 -20.61
C CYS A 295 3.17 -26.72 -21.26
N LYS A 296 2.94 -26.81 -22.57
CA LYS A 296 2.29 -25.73 -23.32
C LYS A 296 0.91 -25.39 -22.79
N ALA A 297 0.23 -26.38 -22.19
CA ALA A 297 -1.13 -26.13 -21.75
C ALA A 297 -1.18 -25.48 -20.38
N GLY A 298 -0.23 -25.81 -19.50
CA GLY A 298 -0.26 -25.37 -18.11
C GLY A 298 -0.48 -23.89 -17.85
N ALA A 303 3.48 -17.43 -10.02
CA ALA A 303 2.15 -17.50 -9.42
C ALA A 303 1.93 -18.89 -8.83
N ASP A 304 1.63 -19.85 -9.70
CA ASP A 304 1.64 -21.26 -9.32
C ASP A 304 3.01 -21.90 -9.52
N MET A 305 4.05 -21.09 -9.74
CA MET A 305 5.37 -21.63 -10.05
C MET A 305 5.90 -22.47 -8.90
N ALA A 306 6.10 -21.85 -7.74
CA ALA A 306 6.58 -22.60 -6.58
C ALA A 306 5.55 -23.60 -6.08
N THR A 307 4.27 -23.41 -6.40
CA THR A 307 3.23 -24.33 -5.96
C THR A 307 3.20 -25.62 -6.77
N MET A 308 3.58 -25.56 -8.05
CA MET A 308 3.41 -26.70 -8.94
C MET A 308 4.54 -27.71 -8.78
N GLU A 309 4.20 -28.98 -8.98
CA GLU A 309 5.17 -30.06 -8.96
C GLU A 309 6.14 -29.90 -10.13
N LYS A 310 7.43 -29.83 -9.81
CA LYS A 310 8.45 -29.62 -10.82
C LYS A 310 8.75 -30.93 -11.51
N LYS A 311 8.77 -30.91 -12.85
CA LYS A 311 8.93 -32.12 -13.63
C LYS A 311 9.90 -31.89 -14.77
N GLY A 312 10.45 -33.00 -15.27
CA GLY A 312 11.36 -32.94 -16.41
C GLY A 312 11.49 -34.29 -17.08
N VAL A 313 12.02 -34.27 -18.30
CA VAL A 313 12.41 -35.49 -18.98
C VAL A 313 13.80 -35.29 -19.59
N PRO A 314 14.68 -36.29 -19.52
CA PRO A 314 15.97 -36.20 -20.20
C PRO A 314 15.82 -36.22 -21.71
N THR A 315 16.74 -35.56 -22.40
CA THR A 315 16.70 -35.47 -23.85
C THR A 315 17.73 -36.34 -24.56
N GLY A 316 18.73 -36.85 -23.86
CA GLY A 316 19.82 -37.49 -24.56
C GLY A 316 20.72 -36.55 -25.31
N ARG A 317 20.57 -35.25 -25.11
CA ARG A 317 21.44 -34.23 -25.72
C ARG A 317 22.34 -33.64 -24.66
N TYR A 318 23.54 -33.23 -25.08
CA TYR A 318 24.57 -32.81 -24.14
C TYR A 318 25.21 -31.49 -24.53
N VAL A 319 25.59 -30.73 -23.51
CA VAL A 319 26.39 -29.52 -23.64
C VAL A 319 27.58 -29.66 -22.71
N VAL A 320 28.59 -28.82 -22.95
CA VAL A 320 29.86 -28.91 -22.24
C VAL A 320 30.01 -27.66 -21.37
N ASN A 321 30.32 -27.87 -20.10
CA ASN A 321 30.63 -26.78 -19.19
C ASN A 321 31.96 -26.13 -19.63
N PRO A 322 31.97 -24.83 -19.95
CA PRO A 322 33.22 -24.23 -20.45
C PRO A 322 34.31 -24.06 -19.39
N LEU A 323 34.02 -24.32 -18.11
CA LEU A 323 34.98 -24.15 -17.03
C LEU A 323 35.66 -25.44 -16.60
N ASN A 324 34.95 -26.57 -16.61
CA ASN A 324 35.52 -27.84 -16.20
C ASN A 324 35.36 -28.95 -17.23
N GLY A 325 34.77 -28.66 -18.39
CA GLY A 325 34.66 -29.64 -19.44
C GLY A 325 33.65 -30.74 -19.24
N ASP A 326 32.97 -30.79 -18.09
CA ASP A 326 31.97 -31.84 -17.86
C ASP A 326 30.89 -31.79 -18.93
N LYS A 327 30.53 -32.95 -19.47
CA LYS A 327 29.43 -33.07 -20.42
C LYS A 327 28.14 -33.20 -19.63
N LEU A 328 27.25 -32.23 -19.78
CA LEU A 328 26.01 -32.21 -19.03
C LEU A 328 24.82 -32.51 -19.93
N GLU A 329 23.87 -33.27 -19.41
CA GLU A 329 22.69 -33.63 -20.19
C GLU A 329 21.65 -32.52 -20.09
N VAL A 330 21.02 -32.24 -21.23
CA VAL A 330 19.91 -31.30 -21.28
C VAL A 330 18.62 -32.02 -20.91
N TRP A 331 17.87 -31.44 -19.98
CA TRP A 331 16.52 -31.85 -19.65
C TRP A 331 15.54 -30.80 -20.14
N ILE A 332 14.36 -31.24 -20.55
CA ILE A 332 13.21 -30.35 -20.66
C ILE A 332 12.54 -30.32 -19.30
N ALA A 333 12.27 -29.12 -18.77
CA ALA A 333 11.62 -28.99 -17.47
C ALA A 333 10.46 -28.01 -17.56
N ASN A 334 9.40 -28.29 -16.80
CA ASN A 334 8.20 -27.49 -16.87
C ASN A 334 8.33 -26.17 -16.12
N TYR A 335 9.37 -25.99 -15.31
CA TYR A 335 9.53 -24.71 -14.64
C TYR A 335 10.36 -23.71 -15.43
N VAL A 336 10.95 -24.13 -16.55
CA VAL A 336 11.74 -23.20 -17.36
C VAL A 336 10.80 -22.51 -18.35
N LEU A 337 10.75 -21.19 -18.29
CA LEU A 337 9.75 -20.40 -19.02
C LEU A 337 10.38 -19.70 -20.23
N TRP A 338 9.82 -19.94 -21.41
CA TRP A 338 10.25 -19.29 -22.64
C TRP A 338 9.76 -17.85 -22.66
N GLY A 339 10.69 -16.90 -22.73
CA GLY A 339 10.39 -15.47 -22.66
C GLY A 339 11.04 -14.74 -21.51
N TYR A 340 11.54 -15.46 -20.50
CA TYR A 340 12.38 -14.87 -19.46
C TYR A 340 13.82 -15.27 -19.76
N GLY A 341 14.69 -14.27 -19.91
CA GLY A 341 16.06 -14.56 -20.24
C GLY A 341 16.16 -15.40 -21.50
N ASP A 342 16.93 -16.48 -21.41
CA ASP A 342 17.27 -17.30 -22.57
C ASP A 342 16.35 -18.51 -22.74
N GLY A 343 15.40 -18.72 -21.83
CA GLY A 343 14.60 -19.93 -21.92
C GLY A 343 15.39 -21.19 -21.59
N ALA A 344 16.43 -21.07 -20.79
CA ALA A 344 17.23 -22.20 -20.38
C ALA A 344 18.03 -21.76 -19.16
N VAL A 345 18.29 -22.72 -18.28
CA VAL A 345 18.97 -22.46 -17.02
C VAL A 345 19.97 -23.59 -16.79
N MET A 346 20.97 -23.33 -15.97
CA MET A 346 21.78 -24.44 -15.50
C MET A 346 21.23 -24.88 -14.15
N ALA A 347 21.66 -26.05 -13.69
CA ALA A 347 21.17 -26.57 -12.42
C ALA A 347 22.34 -26.96 -11.52
N VAL A 348 22.30 -26.50 -10.27
CA VAL A 348 23.30 -26.76 -9.25
C VAL A 348 22.58 -27.30 -8.02
N PRO A 349 22.33 -28.61 -7.96
CA PRO A 349 21.47 -29.14 -6.90
C PRO A 349 22.03 -28.99 -5.49
N ALA A 350 23.35 -28.89 -5.34
CA ALA A 350 23.93 -28.79 -4.01
C ALA A 350 23.76 -27.42 -3.36
N HIS A 351 23.41 -26.38 -4.15
CA HIS A 351 23.36 -25.02 -3.63
C HIS A 351 22.12 -24.24 -4.08
N ASP A 352 21.15 -24.89 -4.71
CA ASP A 352 19.88 -24.26 -5.05
C ASP A 352 18.77 -25.22 -4.68
N GLU A 353 17.80 -24.75 -3.89
CA GLU A 353 16.84 -25.66 -3.27
C GLU A 353 15.92 -26.31 -4.30
N ARG A 354 15.45 -25.55 -5.28
CA ARG A 354 14.64 -26.13 -6.35
C ARG A 354 15.43 -27.21 -7.10
N ASP A 355 16.67 -26.92 -7.46
CA ASP A 355 17.52 -27.93 -8.09
C ASP A 355 17.75 -29.13 -7.18
N PHE A 356 17.87 -28.89 -5.86
CA PHE A 356 18.08 -30.01 -4.95
C PHE A 356 16.91 -30.98 -5.01
N GLU A 357 15.68 -30.45 -4.98
CA GLU A 357 14.49 -31.29 -4.99
C GLU A 357 14.33 -31.98 -6.34
N PHE A 358 14.53 -31.23 -7.44
CA PHE A 358 14.53 -31.82 -8.77
C PHE A 358 15.52 -32.97 -8.84
N ALA A 359 16.73 -32.75 -8.32
CA ALA A 359 17.77 -33.77 -8.39
C ALA A 359 17.48 -34.93 -7.45
N ALA A 360 16.83 -34.69 -6.31
CA ALA A 360 16.52 -35.81 -5.43
C ALA A 360 15.35 -36.62 -5.98
N LYS A 361 14.47 -35.98 -6.73
CA LYS A 361 13.40 -36.71 -7.40
C LYS A 361 13.97 -37.67 -8.44
N TYR A 362 14.91 -37.18 -9.27
CA TYR A 362 15.40 -37.92 -10.42
C TYR A 362 16.75 -38.61 -10.18
N ASN A 363 17.30 -38.53 -8.97
CA ASN A 363 18.63 -39.09 -8.64
C ASN A 363 19.74 -38.53 -9.53
N LEU A 364 19.71 -37.29 -9.74
CA LEU A 364 20.72 -36.57 -10.49
C LEU A 364 21.85 -36.14 -9.57
N PRO A 365 23.07 -36.04 -10.11
CA PRO A 365 24.23 -35.75 -9.26
C PRO A 365 24.08 -34.42 -8.56
N LYS A 366 24.67 -34.34 -7.38
CA LYS A 366 24.82 -33.10 -6.62
C LYS A 366 26.30 -32.93 -6.32
N LYS A 367 26.82 -31.73 -6.57
CA LYS A 367 28.23 -31.45 -6.44
C LYS A 367 28.40 -30.24 -5.52
N GLN A 368 28.95 -30.46 -4.32
CA GLN A 368 29.22 -29.35 -3.42
C GLN A 368 30.40 -28.54 -3.93
N VAL A 369 30.20 -27.23 -4.13
CA VAL A 369 31.30 -26.38 -4.56
C VAL A 369 31.39 -25.15 -3.67
N ILE A 370 30.58 -25.10 -2.59
CA ILE A 370 30.63 -24.04 -1.60
C ILE A 370 30.62 -24.67 -0.22
N ALA A 371 31.51 -24.21 0.66
CA ALA A 371 31.51 -24.60 2.07
C ALA A 371 31.36 -23.34 2.93
N VAL A 372 30.62 -23.47 4.03
CA VAL A 372 30.37 -22.36 4.94
C VAL A 372 31.01 -22.73 6.27
N GLY A 373 32.19 -22.14 6.54
CA GLY A 373 32.92 -22.49 7.74
C GLY A 373 33.20 -23.98 7.77
N ASP A 374 32.80 -24.64 8.85
CA ASP A 374 32.96 -26.09 8.97
C ASP A 374 31.63 -26.83 8.91
N ASN A 375 30.55 -26.16 8.51
CA ASN A 375 29.28 -26.84 8.29
C ASN A 375 29.47 -28.01 7.32
N ALA A 376 28.98 -29.18 7.70
CA ALA A 376 29.16 -30.40 6.93
C ALA A 376 28.06 -30.56 5.89
N PHE A 377 28.43 -31.11 4.73
CA PHE A 377 27.52 -31.22 3.61
C PHE A 377 26.89 -32.60 3.58
N ASP A 378 25.57 -32.63 3.34
CA ASP A 378 24.80 -33.87 3.29
C ASP A 378 23.99 -33.88 1.99
N ALA A 379 24.43 -34.68 1.02
CA ALA A 379 23.79 -34.70 -0.28
C ALA A 379 22.33 -35.17 -0.24
N ASN A 380 21.87 -35.68 0.90
CA ASN A 380 20.53 -36.21 1.04
C ASN A 380 19.58 -35.31 1.82
N ARG A 381 20.07 -34.25 2.43
CA ARG A 381 19.26 -33.32 3.19
C ARG A 381 19.65 -31.91 2.77
N TRP A 382 18.67 -31.14 2.32
CA TRP A 382 18.91 -29.73 2.08
C TRP A 382 19.10 -29.01 3.41
N GLN A 383 19.99 -28.03 3.41
CA GLN A 383 20.21 -27.18 4.57
C GLN A 383 20.35 -25.76 4.07
N GLU A 384 19.91 -24.81 4.89
CA GLU A 384 19.83 -23.42 4.43
C GLU A 384 21.20 -22.90 4.00
N TRP A 385 22.26 -23.33 4.67
CA TRP A 385 23.58 -22.77 4.37
C TRP A 385 24.09 -23.22 3.00
N TYR A 386 23.54 -24.30 2.44
CA TYR A 386 23.86 -24.68 1.07
C TYR A 386 23.70 -23.50 0.12
N GLY A 387 22.69 -22.65 0.36
CA GLY A 387 22.39 -21.49 -0.46
C GLY A 387 23.09 -20.21 -0.04
N ASP A 388 24.02 -20.29 0.90
CA ASP A 388 24.60 -19.09 1.51
C ASP A 388 25.47 -18.33 0.50
N LYS A 389 25.09 -17.09 0.21
CA LYS A 389 25.84 -16.27 -0.73
C LYS A 389 26.88 -15.38 -0.05
N GLU A 390 26.85 -15.26 1.26
CA GLU A 390 27.70 -14.29 1.94
C GLU A 390 28.80 -14.90 2.80
N ASN A 391 28.57 -16.08 3.37
CA ASN A 391 29.54 -16.70 4.27
C ASN A 391 30.22 -17.91 3.66
N GLY A 392 29.83 -18.33 2.47
CA GLY A 392 30.45 -19.46 1.84
C GLY A 392 31.75 -19.10 1.17
N VAL A 393 32.49 -20.14 0.78
CA VAL A 393 33.72 -20.00 0.04
C VAL A 393 33.84 -21.22 -0.86
N LEU A 394 34.49 -21.06 -2.02
CA LEU A 394 34.47 -22.12 -3.03
C LEU A 394 35.35 -23.31 -2.63
N VAL A 395 34.79 -24.53 -2.77
CA VAL A 395 35.53 -25.78 -2.67
C VAL A 395 35.30 -26.57 -3.97
N ASN A 396 36.08 -27.64 -4.14
CA ASN A 396 35.99 -28.53 -5.31
C ASN A 396 35.89 -27.74 -6.61
N SER A 397 36.52 -26.58 -6.68
CA SER A 397 36.41 -25.72 -7.85
C SER A 397 37.77 -25.42 -8.44
N GLY A 398 38.74 -26.31 -8.20
CA GLY A 398 40.09 -26.18 -8.73
C GLY A 398 40.70 -24.82 -8.47
N ASP A 399 40.97 -24.07 -9.54
CA ASP A 399 41.58 -22.75 -9.44
C ASP A 399 40.78 -21.84 -8.50
N LEU A 400 39.46 -21.83 -8.62
CA LEU A 400 38.64 -20.91 -7.85
C LEU A 400 38.61 -21.22 -6.36
N ASP A 401 39.19 -22.35 -5.94
CA ASP A 401 39.09 -22.78 -4.55
C ASP A 401 39.56 -21.67 -3.60
N GLY A 402 38.68 -21.26 -2.71
CA GLY A 402 39.05 -20.30 -1.68
C GLY A 402 38.47 -18.91 -1.87
N LEU A 403 37.84 -18.62 -3.01
CA LEU A 403 37.26 -17.31 -3.19
C LEU A 403 35.87 -17.25 -2.55
N ASP A 404 35.46 -16.03 -2.20
CA ASP A 404 34.11 -15.75 -1.73
C ASP A 404 33.23 -15.41 -2.93
N PHE A 405 31.95 -15.08 -2.69
CA PHE A 405 31.00 -14.96 -3.79
C PHE A 405 31.44 -13.92 -4.81
N GLN A 406 31.69 -12.69 -4.34
CA GLN A 406 31.94 -11.59 -5.28
C GLN A 406 33.24 -11.79 -6.05
N THR A 407 34.31 -12.24 -5.38
CA THR A 407 35.56 -12.44 -6.10
C THR A 407 35.44 -13.57 -7.12
N ALA A 408 34.79 -14.67 -6.74
CA ALA A 408 34.57 -15.77 -7.67
C ALA A 408 33.66 -15.33 -8.82
N PHE A 409 32.67 -14.48 -8.53
CA PHE A 409 31.87 -13.90 -9.60
C PHE A 409 32.75 -13.21 -10.61
N ASP A 410 33.63 -12.33 -10.14
CA ASP A 410 34.51 -11.59 -11.04
C ASP A 410 35.54 -12.50 -11.68
N ALA A 411 36.06 -13.47 -10.94
CA ALA A 411 36.96 -14.45 -11.55
C ALA A 411 36.26 -15.21 -12.67
N VAL A 412 35.03 -15.70 -12.40
CA VAL A 412 34.32 -16.44 -13.43
C VAL A 412 33.99 -15.53 -14.60
N ALA A 413 33.56 -14.30 -14.32
CA ALA A 413 33.30 -13.34 -15.38
C ALA A 413 34.56 -13.10 -16.19
N ALA A 414 35.70 -13.00 -15.51
CA ALA A 414 36.98 -12.86 -16.19
C ALA A 414 37.21 -14.05 -17.13
N LYS A 415 37.21 -15.26 -16.57
CA LYS A 415 37.44 -16.45 -17.36
C LYS A 415 36.49 -16.57 -18.55
N LEU A 416 35.19 -16.37 -18.30
CA LEU A 416 34.20 -16.58 -19.36
C LEU A 416 34.39 -15.60 -20.50
N GLN A 417 34.59 -14.31 -20.19
CA GLN A 417 34.73 -13.32 -21.23
C GLN A 417 35.96 -13.59 -22.09
N SER A 418 37.05 -14.02 -21.45
CA SER A 418 38.28 -14.32 -22.19
C SER A 418 38.10 -15.50 -23.12
N GLN A 419 37.18 -16.41 -22.80
CA GLN A 419 36.88 -17.51 -23.71
C GLN A 419 35.77 -17.18 -24.69
N GLY A 420 35.17 -15.99 -24.57
CA GLY A 420 34.00 -15.68 -25.33
C GLY A 420 32.75 -16.43 -24.91
N ALA A 421 32.83 -17.22 -23.83
CA ALA A 421 31.75 -18.11 -23.40
C ALA A 421 30.73 -17.44 -22.49
N GLY A 422 30.90 -16.17 -22.13
CA GLY A 422 29.86 -15.49 -21.38
C GLY A 422 30.29 -14.14 -20.86
N GLU A 423 29.29 -13.36 -20.43
CA GLU A 423 29.42 -11.96 -20.02
C GLU A 423 28.47 -11.65 -18.88
N PRO A 424 28.79 -10.65 -18.05
CA PRO A 424 27.85 -10.25 -17.01
C PRO A 424 26.61 -9.62 -17.60
N LYS A 425 25.50 -9.78 -16.89
CA LYS A 425 24.23 -9.23 -17.36
C LYS A 425 23.31 -8.96 -16.18
N THR A 426 22.58 -7.85 -16.28
CA THR A 426 21.53 -7.51 -15.32
C THR A 426 20.18 -7.91 -15.93
N GLN A 427 19.33 -8.55 -15.12
CA GLN A 427 17.98 -8.87 -15.54
C GLN A 427 16.99 -8.39 -14.48
N TYR A 428 15.72 -8.36 -14.86
CA TYR A 428 14.62 -7.94 -13.99
C TYR A 428 13.46 -8.91 -14.20
N ARG A 429 12.83 -9.32 -13.11
CA ARG A 429 11.61 -10.11 -13.25
C ARG A 429 10.49 -9.26 -13.85
N LEU A 430 10.49 -7.95 -13.60
CA LEU A 430 9.43 -7.05 -14.08
C LEU A 430 9.14 -7.25 -15.56
N ARG A 431 7.86 -7.46 -15.88
CA ARG A 431 7.35 -7.50 -17.25
C ARG A 431 6.78 -6.14 -17.63
N ASP A 432 6.60 -5.93 -18.93
CA ASP A 432 5.89 -4.73 -19.33
C ASP A 432 4.42 -4.83 -18.95
N TRP A 433 3.78 -3.66 -18.85
CA TRP A 433 2.45 -3.53 -18.25
C TRP A 433 1.42 -3.56 -19.39
N GLY A 434 0.72 -4.70 -19.52
CA GLY A 434 -0.32 -4.84 -20.53
C GLY A 434 -1.59 -4.13 -20.10
N ILE A 435 -2.09 -3.20 -20.92
CA ILE A 435 -3.23 -2.39 -20.50
C ILE A 435 -4.49 -2.65 -21.30
N SER A 436 -4.44 -3.50 -22.32
CA SER A 436 -5.65 -3.81 -23.09
C SER A 436 -6.60 -4.68 -22.29
N ARG A 437 -7.87 -4.28 -22.26
CA ARG A 437 -8.90 -5.11 -21.66
C ARG A 437 -10.02 -5.29 -22.67
N GLN A 438 -10.48 -6.52 -22.83
CA GLN A 438 -11.58 -6.81 -23.73
C GLN A 438 -12.89 -6.71 -22.94
N ARG A 439 -13.10 -5.51 -22.41
CA ARG A 439 -14.22 -5.14 -21.56
C ARG A 439 -14.78 -3.80 -22.00
N TYR A 440 -16.07 -3.60 -21.74
CA TYR A 440 -16.75 -2.37 -22.14
C TYR A 440 -16.54 -1.22 -21.15
N TRP A 441 -16.67 -1.49 -19.84
CA TRP A 441 -16.79 -0.41 -18.84
C TRP A 441 -15.39 0.03 -18.41
N GLY A 442 -14.76 0.79 -19.30
CA GLY A 442 -13.40 1.24 -19.10
C GLY A 442 -13.08 2.33 -20.10
N CYS A 443 -11.96 2.99 -19.88
CA CYS A 443 -11.49 4.06 -20.76
C CYS A 443 -11.16 3.55 -22.16
N PRO A 444 -11.78 4.09 -23.21
CA PRO A 444 -11.42 3.65 -24.57
C PRO A 444 -9.97 3.96 -24.90
N ILE A 445 -9.35 3.06 -25.65
CA ILE A 445 -7.98 3.23 -26.09
C ILE A 445 -8.01 4.12 -27.33
N PRO A 446 -7.27 5.24 -27.31
CA PRO A 446 -7.40 6.28 -28.35
C PRO A 446 -6.55 5.98 -29.58
N ILE A 447 -6.88 4.87 -30.24
CA ILE A 447 -6.19 4.37 -31.42
C ILE A 447 -7.23 4.18 -32.52
N VAL A 448 -6.88 4.54 -33.74
CA VAL A 448 -7.69 4.25 -34.91
C VAL A 448 -6.87 3.36 -35.82
N HIS A 449 -7.50 2.29 -36.33
CA HIS A 449 -6.86 1.33 -37.22
C HIS A 449 -7.25 1.65 -38.65
N CYS A 450 -6.26 2.02 -39.46
CA CYS A 450 -6.48 2.35 -40.85
C CYS A 450 -5.73 1.33 -41.70
N GLU A 451 -6.43 0.77 -42.70
CA GLU A 451 -5.80 -0.23 -43.56
C GLU A 451 -4.61 0.33 -44.33
N LYS A 452 -4.53 1.65 -44.51
CA LYS A 452 -3.37 2.26 -45.14
C LYS A 452 -2.34 2.74 -44.11
N CYS A 453 -2.77 3.49 -43.10
CA CYS A 453 -1.83 4.13 -42.21
C CYS A 453 -1.44 3.27 -41.00
N GLY A 454 -2.13 2.16 -40.75
CA GLY A 454 -1.87 1.35 -39.57
C GLY A 454 -2.58 1.83 -38.31
N ASN A 455 -2.00 1.54 -37.14
CA ASN A 455 -2.54 1.97 -35.85
C ASN A 455 -2.09 3.39 -35.60
N VAL A 456 -3.03 4.32 -35.53
CA VAL A 456 -2.66 5.72 -35.43
C VAL A 456 -3.37 6.33 -34.23
N PRO A 457 -2.68 7.15 -33.45
CA PRO A 457 -3.32 7.75 -32.28
C PRO A 457 -4.31 8.83 -32.68
N VAL A 458 -5.34 8.99 -31.85
CA VAL A 458 -6.29 10.09 -32.07
C VAL A 458 -5.58 11.42 -31.78
N PRO A 459 -5.71 12.43 -32.65
CA PRO A 459 -5.09 13.74 -32.36
C PRO A 459 -5.66 14.33 -31.08
N ALA A 460 -4.83 15.14 -30.40
CA ALA A 460 -5.19 15.65 -29.09
C ALA A 460 -6.50 16.43 -29.09
N ASP A 461 -6.71 17.30 -30.09
CA ASP A 461 -7.95 18.05 -30.13
C ASP A 461 -9.18 17.19 -30.40
N GLN A 462 -9.02 15.93 -30.76
CA GLN A 462 -10.17 15.04 -30.91
C GLN A 462 -10.44 14.23 -29.65
N LEU A 463 -9.67 14.46 -28.58
CA LEU A 463 -9.87 13.76 -27.32
C LEU A 463 -10.92 14.48 -26.50
N PRO A 464 -11.77 13.74 -25.76
CA PRO A 464 -11.71 12.29 -25.59
C PRO A 464 -12.38 11.49 -26.69
N VAL A 465 -11.93 10.25 -26.91
CA VAL A 465 -12.80 9.24 -27.51
C VAL A 465 -13.80 8.83 -26.43
N VAL A 466 -15.08 9.11 -26.67
CA VAL A 466 -16.07 9.04 -25.60
C VAL A 466 -16.65 7.64 -25.56
N LEU A 467 -16.71 7.06 -24.37
CA LEU A 467 -17.37 5.75 -24.18
C LEU A 467 -18.88 5.96 -24.17
N PRO A 468 -19.63 5.32 -25.06
CA PRO A 468 -21.10 5.47 -24.98
C PRO A 468 -21.61 4.84 -23.70
N GLU A 469 -22.48 5.56 -23.01
CA GLU A 469 -23.02 5.10 -21.74
C GLU A 469 -24.39 4.43 -21.90
N ASN A 470 -24.97 4.47 -23.10
CA ASN A 470 -26.27 3.83 -23.35
C ASN A 470 -26.02 2.39 -23.85
N VAL A 471 -25.47 1.59 -22.94
CA VAL A 471 -25.01 0.23 -23.24
C VAL A 471 -25.36 -0.64 -22.04
N VAL A 472 -25.91 -1.83 -22.29
CA VAL A 472 -26.10 -2.85 -21.26
C VAL A 472 -25.35 -4.10 -21.71
N PRO A 473 -24.14 -4.32 -21.19
CA PRO A 473 -23.39 -5.51 -21.59
C PRO A 473 -24.11 -6.79 -21.21
N ASP A 474 -23.74 -7.88 -21.87
CA ASP A 474 -24.36 -9.18 -21.65
C ASP A 474 -23.32 -10.28 -21.44
N GLY A 475 -22.04 -9.94 -21.38
CA GLY A 475 -20.98 -10.88 -21.08
C GLY A 475 -20.59 -11.82 -22.21
N MET A 476 -21.20 -11.70 -23.39
CA MET A 476 -20.86 -12.51 -24.55
C MET A 476 -20.02 -11.70 -25.54
N GLY A 477 -18.97 -11.08 -25.03
CA GLY A 477 -18.10 -10.20 -25.79
C GLY A 477 -18.19 -8.77 -25.30
N SER A 478 -17.30 -7.93 -25.83
CA SER A 478 -17.43 -6.51 -25.53
C SER A 478 -18.46 -5.89 -26.46
N PRO A 479 -19.43 -5.14 -25.94
CA PRO A 479 -20.41 -4.50 -26.82
C PRO A 479 -19.80 -3.48 -27.77
N LEU A 480 -18.62 -2.96 -27.48
CA LEU A 480 -18.03 -1.97 -28.37
C LEU A 480 -17.67 -2.58 -29.72
N ALA A 481 -17.20 -3.83 -29.71
CA ALA A 481 -16.87 -4.53 -30.94
C ALA A 481 -18.11 -4.92 -31.76
N LYS A 482 -19.30 -4.81 -31.16
CA LYS A 482 -20.55 -5.04 -31.86
C LYS A 482 -21.30 -3.74 -32.14
N MET A 483 -20.65 -2.61 -31.91
CA MET A 483 -21.33 -1.32 -31.99
C MET A 483 -20.77 -0.51 -33.15
N PRO A 484 -21.31 -0.72 -34.34
CA PRO A 484 -20.87 0.02 -35.51
C PRO A 484 -20.83 1.53 -35.30
N GLU A 485 -21.81 2.09 -34.60
CA GLU A 485 -21.87 3.52 -34.42
C GLU A 485 -20.72 4.02 -33.55
N PHE A 486 -20.07 3.13 -32.80
CA PHE A 486 -18.88 3.52 -32.09
C PHE A 486 -17.61 3.33 -32.93
N TYR A 487 -17.40 2.13 -33.52
CA TYR A 487 -16.06 1.87 -34.06
C TYR A 487 -15.85 2.39 -35.47
N GLU A 488 -16.89 2.58 -36.28
CA GLU A 488 -16.69 3.17 -37.60
C GLU A 488 -16.35 4.65 -37.50
N THR A 489 -15.25 5.03 -38.11
CA THR A 489 -14.78 6.40 -38.05
C THR A 489 -13.90 6.66 -39.27
N SER A 490 -13.17 7.77 -39.26
CA SER A 490 -12.31 8.14 -40.38
C SER A 490 -10.88 8.20 -39.87
N CYS A 491 -9.94 7.99 -40.77
CA CYS A 491 -8.56 8.00 -40.35
C CYS A 491 -8.10 9.43 -40.10
N PRO A 492 -7.48 9.73 -38.96
CA PRO A 492 -7.05 11.11 -38.70
C PRO A 492 -5.87 11.52 -39.54
N CYS A 493 -5.15 10.56 -40.15
CA CYS A 493 -3.99 10.83 -40.99
C CYS A 493 -4.32 10.92 -42.48
N CYS A 494 -5.33 10.21 -42.98
CA CYS A 494 -5.60 10.20 -44.41
C CYS A 494 -7.04 10.46 -44.79
N GLY A 495 -7.95 10.56 -43.82
CA GLY A 495 -9.34 10.81 -44.11
C GLY A 495 -10.16 9.60 -44.54
N GLY A 496 -9.51 8.43 -44.79
CA GLY A 496 -10.25 7.26 -45.26
C GLY A 496 -10.99 6.55 -44.14
N ALA A 497 -11.82 5.60 -44.56
CA ALA A 497 -12.59 4.80 -43.61
C ALA A 497 -11.68 3.97 -42.72
N ALA A 498 -11.99 3.94 -41.42
CA ALA A 498 -11.17 3.29 -40.41
C ALA A 498 -12.05 2.83 -39.26
N LYS A 499 -11.43 2.14 -38.30
CA LYS A 499 -12.13 1.49 -37.19
C LYS A 499 -11.44 1.84 -35.89
N ARG A 500 -12.23 2.29 -34.89
CA ARG A 500 -11.65 2.56 -33.59
C ARG A 500 -11.20 1.28 -32.91
N GLU A 501 -10.17 1.41 -32.07
CA GLU A 501 -9.83 0.34 -31.15
C GLU A 501 -11.01 0.12 -30.22
N THR A 502 -11.38 -1.13 -29.99
CA THR A 502 -12.54 -1.42 -29.14
C THR A 502 -12.17 -1.95 -27.75
N ASP A 503 -10.93 -2.38 -27.54
CA ASP A 503 -10.49 -2.68 -26.18
C ASP A 503 -10.41 -1.39 -25.35
N THR A 504 -10.61 -1.53 -24.05
CA THR A 504 -10.46 -0.43 -23.09
C THR A 504 -9.25 -0.69 -22.20
N MET A 505 -8.89 0.33 -21.44
CA MET A 505 -7.67 0.33 -20.64
C MET A 505 -7.86 -0.37 -19.30
N ASP A 506 -6.79 -1.03 -18.86
CA ASP A 506 -6.62 -1.47 -17.48
C ASP A 506 -7.10 -0.39 -16.53
N THR A 507 -8.04 -0.70 -15.64
CA THR A 507 -8.55 0.41 -14.81
C THR A 507 -7.57 0.83 -13.71
N PHE A 508 -6.46 0.12 -13.54
CA PHE A 508 -5.37 0.69 -12.73
C PHE A 508 -4.86 1.99 -13.29
N ILE A 509 -5.10 2.25 -14.58
CA ILE A 509 -4.58 3.49 -15.17
C ILE A 509 -5.20 4.71 -14.49
N GLU A 510 -6.50 4.66 -14.18
CA GLU A 510 -7.15 5.82 -13.54
C GLU A 510 -6.60 6.08 -12.15
N SER A 511 -6.34 5.01 -11.38
CA SER A 511 -5.78 5.16 -10.05
C SER A 511 -4.28 5.45 -10.07
N SER A 512 -3.65 5.52 -11.23
CA SER A 512 -2.23 5.82 -11.25
C SER A 512 -1.92 7.30 -11.31
N TRP A 513 -2.94 8.16 -11.46
CA TRP A 513 -2.68 9.60 -11.52
C TRP A 513 -3.77 10.43 -10.87
N TYR A 514 -4.78 9.81 -10.25
CA TYR A 514 -5.90 10.58 -9.74
C TYR A 514 -5.45 11.60 -8.69
N PHE A 515 -4.38 11.29 -7.95
CA PHE A 515 -3.91 12.17 -6.89
C PHE A 515 -3.35 13.48 -7.47
N PHE A 516 -2.90 13.47 -8.72
CA PHE A 516 -2.53 14.74 -9.36
C PHE A 516 -3.76 15.48 -9.85
N ARG A 517 -4.76 14.76 -10.38
CA ARG A 517 -5.96 15.43 -10.88
C ARG A 517 -6.67 16.20 -9.78
N TYR A 518 -6.64 15.72 -8.53
CA TYR A 518 -7.26 16.44 -7.43
C TYR A 518 -6.67 17.84 -7.26
N MET A 519 -5.45 18.06 -7.75
CA MET A 519 -4.84 19.38 -7.61
C MET A 519 -5.52 20.42 -8.49
N SER A 520 -6.13 19.99 -9.61
CA SER A 520 -6.86 20.88 -10.49
C SER A 520 -7.88 20.06 -11.27
N PRO A 521 -8.94 19.58 -10.63
CA PRO A 521 -9.87 18.67 -11.32
C PRO A 521 -10.79 19.36 -12.31
N LYS A 522 -10.71 20.67 -12.47
CA LYS A 522 -11.45 21.37 -13.50
C LYS A 522 -10.55 21.86 -14.64
N PHE A 523 -9.26 21.55 -14.59
CA PHE A 523 -8.33 22.04 -15.59
C PHE A 523 -8.57 21.34 -16.92
N SER A 524 -8.78 22.14 -17.97
CA SER A 524 -9.14 21.65 -19.30
C SER A 524 -7.99 21.73 -20.30
N ASP A 525 -6.80 22.15 -19.89
CA ASP A 525 -5.66 22.25 -20.80
C ASP A 525 -4.57 21.23 -20.48
N GLY A 526 -4.85 20.25 -19.63
CA GLY A 526 -3.82 19.31 -19.25
C GLY A 526 -4.30 18.40 -18.15
N MET A 527 -3.48 17.38 -17.87
CA MET A 527 -3.75 16.48 -16.76
C MET A 527 -3.85 17.24 -15.45
N VAL A 528 -2.95 18.21 -15.25
CA VAL A 528 -2.90 18.96 -14.00
C VAL A 528 -2.22 20.30 -14.31
N SER A 529 -2.77 21.38 -13.76
CA SER A 529 -2.21 22.69 -14.03
C SER A 529 -0.86 22.85 -13.35
N ALA A 530 0.03 23.57 -14.04
CA ALA A 530 1.36 23.84 -13.48
C ALA A 530 1.25 24.55 -12.13
N GLU A 531 0.34 25.53 -12.03
CA GLU A 531 0.25 26.31 -10.80
C GLU A 531 -0.13 25.42 -9.63
N SER A 532 -1.01 24.46 -9.86
CA SER A 532 -1.48 23.63 -8.75
C SER A 532 -0.48 22.52 -8.42
N ALA A 533 0.15 21.91 -9.43
CA ALA A 533 1.18 20.92 -9.17
C ALA A 533 2.36 21.53 -8.45
N LYS A 534 2.72 22.77 -8.79
CA LYS A 534 3.83 23.42 -8.08
C LYS A 534 3.46 23.63 -6.61
N TYR A 535 2.20 23.99 -6.34
CA TYR A 535 1.79 24.30 -4.98
C TYR A 535 1.64 23.04 -4.14
N TRP A 536 0.90 22.03 -4.63
CA TRP A 536 0.64 20.86 -3.79
C TRP A 536 1.80 19.88 -3.75
N GLY A 537 2.67 19.87 -4.75
CA GLY A 537 3.85 19.02 -4.69
C GLY A 537 3.47 17.56 -4.69
N ALA A 538 3.84 16.84 -3.63
CA ALA A 538 3.49 15.44 -3.51
C ALA A 538 2.44 15.25 -2.41
N VAL A 539 1.85 14.05 -2.40
CA VAL A 539 0.96 13.65 -1.31
C VAL A 539 1.80 13.51 -0.04
N ASP A 540 1.46 14.29 1.00
CA ASP A 540 2.18 14.19 2.27
C ASP A 540 1.90 12.87 2.98
N GLN A 541 0.68 12.33 2.83
CA GLN A 541 0.23 11.18 3.59
C GLN A 541 -0.81 10.45 2.75
N TYR A 542 -0.58 9.17 2.54
CA TYR A 542 -1.43 8.26 1.80
C TYR A 542 -1.87 7.16 2.75
N ILE A 543 -3.15 6.78 2.70
CA ILE A 543 -3.69 5.78 3.61
C ILE A 543 -4.47 4.77 2.77
N GLY A 544 -4.10 3.49 2.87
CA GLY A 544 -4.81 2.49 2.10
C GLY A 544 -4.37 1.08 2.43
N GLY A 545 -5.11 0.12 1.87
CA GLY A 545 -4.88 -1.28 2.19
C GLY A 545 -3.65 -1.88 1.54
N ILE A 546 -3.04 -2.81 2.28
CA ILE A 546 -1.83 -3.53 1.86
C ILE A 546 -2.03 -4.28 0.55
N GLU A 547 -3.27 -4.61 0.20
CA GLU A 547 -3.53 -5.30 -1.05
C GLU A 547 -3.08 -4.48 -2.26
N HIS A 548 -2.85 -3.18 -2.09
CA HIS A 548 -2.38 -2.35 -3.20
C HIS A 548 -0.90 -2.01 -3.10
N ALA A 549 -0.15 -2.71 -2.24
CA ALA A 549 1.23 -2.32 -1.97
C ALA A 549 2.16 -2.58 -3.16
N ILE A 550 1.76 -3.42 -4.11
CA ILE A 550 2.63 -3.75 -5.22
C ILE A 550 2.18 -3.04 -6.49
N LEU A 551 1.07 -3.49 -7.10
CA LEU A 551 0.70 -3.01 -8.42
C LEU A 551 0.28 -1.55 -8.39
N HIS A 552 -0.78 -1.21 -7.63
CA HIS A 552 -1.23 0.18 -7.62
C HIS A 552 -0.10 1.14 -7.28
N LEU A 553 0.64 0.87 -6.21
CA LEU A 553 1.70 1.77 -5.80
C LEU A 553 2.80 1.87 -6.88
N LEU A 554 3.19 0.74 -7.48
CA LEU A 554 4.22 0.77 -8.52
C LEU A 554 3.75 1.54 -9.75
N TYR A 555 2.50 1.30 -10.18
CA TYR A 555 1.91 2.03 -11.31
C TYR A 555 1.83 3.53 -11.03
N ALA A 556 1.38 3.90 -9.83
CA ALA A 556 1.32 5.33 -9.48
C ALA A 556 2.71 5.95 -9.48
N ARG A 557 3.72 5.23 -8.98
CA ARG A 557 5.08 5.74 -9.01
C ARG A 557 5.58 5.84 -10.45
N PHE A 558 5.24 4.85 -11.28
CA PHE A 558 5.62 4.89 -12.68
C PHE A 558 5.00 6.09 -13.37
N PHE A 559 3.69 6.27 -13.20
CA PHE A 559 2.99 7.40 -13.82
C PHE A 559 3.55 8.74 -13.37
N THR A 560 3.91 8.86 -12.09
CA THR A 560 4.53 10.09 -11.63
C THR A 560 5.79 10.40 -12.42
N LYS A 561 6.63 9.39 -12.63
CA LYS A 561 7.87 9.64 -13.35
C LYS A 561 7.61 9.91 -14.82
N LEU A 562 6.61 9.25 -15.41
CA LEU A 562 6.20 9.60 -16.77
C LEU A 562 5.74 11.04 -16.85
N MET A 563 4.94 11.47 -15.88
CA MET A 563 4.39 12.81 -15.93
C MET A 563 5.45 13.85 -15.66
N ARG A 564 6.41 13.53 -14.78
CA ARG A 564 7.55 14.43 -14.55
C ARG A 564 8.35 14.60 -15.82
N ASP A 565 8.56 13.50 -16.55
CA ASP A 565 9.36 13.54 -17.76
C ASP A 565 8.62 14.21 -18.91
N GLU A 566 7.29 14.33 -18.82
CA GLU A 566 6.53 15.16 -19.75
C GLU A 566 6.49 16.62 -19.32
N GLY A 567 6.97 16.95 -18.13
CA GLY A 567 6.94 18.32 -17.66
C GLY A 567 5.67 18.74 -16.98
N LEU A 568 4.83 17.79 -16.54
CA LEU A 568 3.57 18.14 -15.91
C LEU A 568 3.68 18.30 -14.40
N VAL A 569 4.66 17.65 -13.77
CA VAL A 569 4.91 17.74 -12.32
C VAL A 569 6.43 17.77 -12.12
N ASN A 570 6.84 18.14 -10.92
CA ASN A 570 8.25 18.35 -10.61
C ASN A 570 8.75 17.45 -9.49
N VAL A 571 7.96 16.52 -9.03
CA VAL A 571 8.39 15.57 -8.01
C VAL A 571 8.77 14.27 -8.70
N ASP A 572 9.55 13.45 -8.00
CA ASP A 572 9.90 12.11 -8.46
C ASP A 572 9.02 11.03 -7.86
N GLU A 573 8.43 11.28 -6.69
CA GLU A 573 7.66 10.28 -5.99
C GLU A 573 6.31 10.82 -5.55
N PRO A 574 5.23 10.06 -5.75
CA PRO A 574 3.89 10.61 -5.47
C PRO A 574 3.54 10.70 -3.99
N PHE A 575 3.97 9.76 -3.14
CA PHE A 575 3.48 9.63 -1.77
C PHE A 575 4.64 9.67 -0.78
N GLU A 576 4.63 10.68 0.11
CA GLU A 576 5.74 10.80 1.07
C GLU A 576 5.62 9.78 2.19
N ARG A 577 4.47 9.75 2.86
CA ARG A 577 4.23 8.83 3.95
C ARG A 577 3.12 7.86 3.54
N LEU A 578 3.20 6.65 4.06
CA LEU A 578 2.25 5.62 3.71
C LEU A 578 1.80 4.91 4.96
N LEU A 579 0.48 4.83 5.19
CA LEU A 579 -0.09 4.14 6.33
C LEU A 579 -1.00 3.04 5.82
N THR A 580 -0.78 1.82 6.30
CA THR A 580 -1.51 0.63 5.88
C THR A 580 -2.43 0.23 7.01
N GLN A 581 -3.71 0.63 6.90
CA GLN A 581 -4.66 0.30 7.96
C GLN A 581 -4.98 -1.19 7.93
N GLY A 582 -5.20 -1.76 9.12
CA GLY A 582 -5.51 -3.16 9.24
C GLY A 582 -6.92 -3.50 8.80
N MET A 583 -7.15 -4.80 8.60
CA MET A 583 -8.47 -5.29 8.23
C MET A 583 -9.45 -5.13 9.39
N VAL A 584 -10.73 -5.17 9.05
CA VAL A 584 -11.83 -5.20 10.01
C VAL A 584 -12.56 -6.52 9.85
N VAL A 585 -12.74 -7.24 10.96
CA VAL A 585 -13.36 -8.56 10.92
C VAL A 585 -14.62 -8.54 11.80
N CYS A 586 -15.48 -9.53 11.54
CA CYS A 586 -16.76 -9.61 12.22
C CYS A 586 -17.23 -11.05 12.16
N GLU A 587 -17.96 -11.45 13.18
CA GLU A 587 -18.64 -12.74 13.19
C GLU A 587 -19.57 -12.86 11.99
N THR A 588 -19.78 -14.09 11.53
CA THR A 588 -20.70 -14.38 10.46
C THR A 588 -21.86 -15.21 11.00
N TYR A 589 -22.93 -15.29 10.23
CA TYR A 589 -24.18 -15.90 10.67
C TYR A 589 -24.92 -16.45 9.46
N TYR A 590 -25.56 -17.60 9.62
CA TYR A 590 -26.45 -18.12 8.56
C TYR A 590 -27.59 -18.99 9.11
N TRP A 600 -26.65 -16.74 4.80
CA TRP A 600 -25.67 -15.81 5.37
C TRP A 600 -26.33 -14.47 5.72
N ILE A 601 -26.64 -14.31 7.02
CA ILE A 601 -27.43 -13.18 7.51
C ILE A 601 -26.50 -12.08 7.97
N ASN A 602 -26.82 -10.85 7.59
CA ASN A 602 -26.06 -9.70 8.03
C ASN A 602 -26.19 -9.55 9.55
N PRO A 603 -25.11 -9.16 10.24
CA PRO A 603 -25.17 -8.98 11.71
C PRO A 603 -26.19 -7.94 12.19
N ALA A 604 -26.77 -7.12 11.31
CA ALA A 604 -27.82 -6.20 11.73
C ALA A 604 -29.20 -6.84 11.69
N ASP A 605 -29.34 -8.00 11.07
CA ASP A 605 -30.56 -8.81 11.15
C ASP A 605 -30.52 -9.79 12.31
N VAL A 606 -29.49 -9.74 13.15
CA VAL A 606 -29.27 -10.75 14.18
C VAL A 606 -29.07 -10.06 15.53
N GLU A 607 -29.66 -10.64 16.56
CA GLU A 607 -29.31 -10.38 17.96
C GLU A 607 -29.23 -11.73 18.66
N LEU A 608 -28.41 -11.78 19.71
CA LEU A 608 -28.07 -13.05 20.34
C LEU A 608 -28.38 -13.03 21.83
N THR A 609 -28.42 -14.23 22.40
CA THR A 609 -28.66 -14.42 23.83
C THR A 609 -27.44 -14.04 24.65
N PRO A 627 -33.85 -18.15 15.16
CA PRO A 627 -32.79 -19.16 15.25
C PRO A 627 -31.86 -19.16 14.04
N VAL A 628 -30.58 -18.86 14.25
CA VAL A 628 -29.57 -18.83 13.20
C VAL A 628 -28.25 -19.35 13.74
N VAL A 629 -27.35 -19.72 12.82
CA VAL A 629 -26.07 -20.33 13.17
C VAL A 629 -24.99 -19.25 13.26
N ILE A 630 -24.45 -19.09 14.48
CA ILE A 630 -23.42 -18.07 14.75
C ILE A 630 -22.08 -18.67 14.40
N SER A 631 -21.62 -18.41 13.17
CA SER A 631 -20.40 -19.01 12.63
C SER A 631 -19.14 -18.21 12.94
N GLY A 632 -18.09 -18.32 12.08
CA GLY A 632 -16.77 -17.84 12.44
C GLY A 632 -16.48 -16.38 12.07
N THR A 633 -15.47 -15.83 12.74
CA THR A 633 -15.08 -14.42 12.56
C THR A 633 -14.10 -14.29 11.40
N GLU A 634 -14.41 -13.40 10.46
CA GLU A 634 -13.55 -13.22 9.30
C GLU A 634 -13.77 -11.82 8.74
N LYS A 635 -12.90 -11.46 7.79
CA LYS A 635 -12.90 -10.13 7.17
C LYS A 635 -14.31 -9.74 6.72
N MET A 636 -14.63 -8.46 6.90
CA MET A 636 -15.89 -7.91 6.44
C MET A 636 -15.91 -7.92 4.91
N SER A 637 -16.79 -8.71 4.32
CA SER A 637 -16.88 -8.82 2.88
C SER A 637 -18.31 -9.19 2.51
N LYS A 638 -18.58 -9.24 1.20
CA LYS A 638 -19.88 -9.67 0.71
C LYS A 638 -19.99 -11.19 0.60
N SER A 639 -18.87 -11.90 0.63
CA SER A 639 -18.89 -13.35 0.50
C SER A 639 -19.77 -13.99 1.57
N LYS A 640 -19.62 -13.57 2.82
CA LYS A 640 -20.42 -14.11 3.91
C LYS A 640 -21.37 -13.07 4.50
N ASN A 641 -21.63 -11.98 3.77
CA ASN A 641 -22.69 -11.03 4.10
C ASN A 641 -22.53 -10.51 5.52
N ASN A 642 -21.28 -10.30 5.93
CA ASN A 642 -20.96 -9.88 7.29
C ASN A 642 -20.41 -8.46 7.33
N GLY A 643 -20.65 -7.69 6.27
CA GLY A 643 -20.33 -6.27 6.30
C GLY A 643 -21.35 -5.53 7.15
N VAL A 644 -20.87 -4.72 8.09
CA VAL A 644 -21.72 -3.93 8.95
C VAL A 644 -21.94 -2.58 8.29
N ASP A 645 -23.18 -2.27 7.99
CA ASP A 645 -23.50 -1.05 7.27
C ASP A 645 -23.30 0.15 8.19
N PRO A 646 -22.42 1.07 7.84
CA PRO A 646 -22.23 2.24 8.72
C PRO A 646 -23.51 3.04 8.92
N GLN A 647 -24.42 3.05 7.93
CA GLN A 647 -25.68 3.76 8.08
C GLN A 647 -26.51 3.20 9.23
N GLU A 648 -26.55 1.87 9.36
CA GLU A 648 -27.21 1.25 10.51
C GLU A 648 -26.57 1.71 11.80
N LEU A 649 -25.24 1.80 11.80
CA LEU A 649 -24.49 2.23 12.98
C LEU A 649 -24.72 3.71 13.28
N ILE A 650 -24.82 4.55 12.24
CA ILE A 650 -25.13 5.96 12.48
C ILE A 650 -26.52 6.12 13.08
N ASN A 651 -27.50 5.39 12.51
CA ASN A 651 -28.89 5.53 12.97
C ASN A 651 -29.03 5.13 14.42
N ALA A 652 -28.26 4.12 14.85
CA ALA A 652 -28.29 3.67 16.23
C ALA A 652 -27.53 4.63 17.17
N TYR A 653 -26.28 4.97 16.84
CA TYR A 653 -25.43 5.67 17.81
C TYR A 653 -24.87 7.01 17.37
N GLY A 654 -24.96 7.37 16.10
CA GLY A 654 -24.31 8.59 15.64
C GLY A 654 -22.92 8.32 15.06
N ALA A 655 -22.48 9.28 14.24
CA ALA A 655 -21.19 9.14 13.56
C ALA A 655 -20.02 9.12 14.54
N ASP A 656 -20.05 9.99 15.56
CA ASP A 656 -18.92 10.11 16.46
C ASP A 656 -18.66 8.81 17.20
N THR A 657 -19.72 8.08 17.55
CA THR A 657 -19.55 6.77 18.19
C THR A 657 -18.89 5.77 17.23
N ALA A 658 -19.25 5.82 15.95
CA ALA A 658 -18.60 4.94 14.98
C ALA A 658 -17.12 5.27 14.84
N ARG A 659 -16.82 6.55 14.63
CA ARG A 659 -15.43 6.99 14.51
C ARG A 659 -14.66 6.63 15.77
N LEU A 660 -15.21 6.96 16.94
CA LEU A 660 -14.49 6.70 18.18
C LEU A 660 -14.19 5.21 18.36
N PHE A 661 -15.18 4.35 18.15
CA PHE A 661 -14.98 2.92 18.33
C PHE A 661 -13.81 2.40 17.50
N MET A 662 -13.73 2.82 16.25
CA MET A 662 -12.71 2.26 15.38
C MET A 662 -11.34 2.84 15.65
N MET A 663 -11.27 4.12 16.04
CA MET A 663 -9.97 4.69 16.40
C MET A 663 -9.47 4.17 17.74
N PHE A 664 -10.38 3.73 18.63
CA PHE A 664 -10.01 3.28 19.97
C PHE A 664 -9.76 1.78 20.06
N ALA A 665 -10.45 0.98 19.24
CA ALA A 665 -10.43 -0.47 19.43
C ALA A 665 -9.04 -1.05 19.21
N ALA A 666 -8.29 -0.52 18.25
CA ALA A 666 -6.99 -1.12 17.95
C ALA A 666 -6.10 -0.07 17.31
N PRO A 667 -4.78 -0.19 17.44
CA PRO A 667 -3.87 0.61 16.61
C PRO A 667 -4.31 0.52 15.16
N PRO A 668 -4.08 1.55 14.36
CA PRO A 668 -4.63 1.54 13.00
C PRO A 668 -4.13 0.38 12.15
N GLU A 669 -2.89 -0.10 12.35
CA GLU A 669 -2.33 -1.18 11.52
C GLU A 669 -2.85 -2.56 11.90
N GLN A 670 -3.25 -2.73 13.17
CA GLN A 670 -3.69 -4.03 13.66
C GLN A 670 -5.13 -4.29 13.22
N SER A 671 -5.45 -5.56 13.02
CA SER A 671 -6.81 -5.92 12.65
C SER A 671 -7.78 -5.54 13.77
N LEU A 672 -9.00 -5.18 13.36
CA LEU A 672 -10.00 -4.60 14.26
C LEU A 672 -11.21 -5.51 14.27
N GLU A 673 -11.53 -6.07 15.45
CA GLU A 673 -12.67 -6.97 15.62
C GLU A 673 -13.92 -6.16 15.94
N TRP A 674 -14.94 -6.30 15.09
CA TRP A 674 -16.24 -5.70 15.38
C TRP A 674 -16.76 -6.14 16.74
N SER A 675 -17.27 -5.19 17.52
CA SER A 675 -17.65 -5.48 18.90
C SER A 675 -18.86 -4.65 19.29
N ASP A 676 -19.97 -5.33 19.56
CA ASP A 676 -21.18 -4.63 19.97
C ASP A 676 -20.96 -3.91 21.30
N SER A 677 -20.20 -4.52 22.21
CA SER A 677 -19.91 -3.85 23.47
C SER A 677 -18.89 -2.73 23.27
N GLY A 678 -17.97 -2.88 22.32
CA GLY A 678 -17.04 -1.80 22.03
C GLY A 678 -17.75 -0.56 21.54
N VAL A 679 -18.74 -0.72 20.68
CA VAL A 679 -19.51 0.41 20.17
C VAL A 679 -20.28 1.07 21.30
N GLU A 680 -20.92 0.26 22.16
CA GLU A 680 -21.66 0.82 23.29
C GLU A 680 -20.74 1.63 24.19
N GLY A 681 -19.58 1.06 24.56
CA GLY A 681 -18.65 1.76 25.43
C GLY A 681 -18.05 3.01 24.82
N ALA A 682 -17.91 3.05 23.49
CA ALA A 682 -17.56 4.31 22.86
C ALA A 682 -18.68 5.34 23.10
N HIS A 683 -19.92 4.93 22.87
CA HIS A 683 -21.06 5.82 23.06
C HIS A 683 -21.12 6.34 24.48
N ARG A 684 -20.94 5.44 25.46
CA ARG A 684 -20.92 5.86 26.86
C ARG A 684 -19.83 6.90 27.10
N PHE A 685 -18.65 6.71 26.51
CA PHE A 685 -17.61 7.72 26.68
C PHE A 685 -18.09 9.08 26.18
N LEU A 686 -18.80 9.10 25.05
CA LEU A 686 -19.27 10.39 24.57
C LEU A 686 -20.32 10.98 25.51
N ARG A 687 -21.21 10.14 26.07
CA ARG A 687 -22.14 10.64 27.08
C ARG A 687 -21.39 11.27 28.24
N ARG A 688 -20.37 10.56 28.73
CA ARG A 688 -19.56 11.03 29.86
C ARG A 688 -18.90 12.36 29.55
N LEU A 689 -18.32 12.48 28.37
CA LEU A 689 -17.70 13.73 27.95
C LEU A 689 -18.72 14.86 27.89
N TRP A 690 -19.89 14.58 27.29
CA TRP A 690 -20.98 15.53 27.28
C TRP A 690 -21.36 15.96 28.69
N ARG A 691 -21.49 14.99 29.59
CA ARG A 691 -21.97 15.27 30.93
C ARG A 691 -20.92 16.00 31.75
N THR A 692 -19.64 15.77 31.45
CA THR A 692 -18.56 16.45 32.16
C THR A 692 -18.59 17.94 31.90
N VAL A 693 -18.73 18.35 30.63
CA VAL A 693 -18.82 19.76 30.31
C VAL A 693 -20.13 20.35 30.84
N TYR A 694 -21.22 19.59 30.78
CA TYR A 694 -22.49 20.12 31.22
C TYR A 694 -22.48 20.39 32.72
N GLU A 695 -22.02 19.41 33.51
CA GLU A 695 -21.99 19.62 34.96
C GLU A 695 -21.02 20.75 35.30
N TYR A 696 -19.91 20.87 34.55
CA TYR A 696 -18.99 21.96 34.79
C TYR A 696 -19.65 23.32 34.54
N LEU A 697 -20.43 23.42 33.46
CA LEU A 697 -21.08 24.69 33.14
C LEU A 697 -22.31 24.95 33.99
N LYS A 698 -22.93 23.91 34.55
CA LYS A 698 -24.04 24.10 35.47
C LYS A 698 -23.57 24.70 36.79
N GLN A 699 -22.31 24.50 37.16
CA GLN A 699 -21.78 24.93 38.44
C GLN A 699 -21.08 26.29 38.38
N GLY A 700 -21.44 27.14 37.42
CA GLY A 700 -20.91 28.48 37.41
C GLY A 700 -20.70 29.13 36.06
N GLY A 701 -20.89 28.39 34.98
CA GLY A 701 -20.65 28.95 33.66
C GLY A 701 -19.17 29.08 33.34
N ALA A 702 -18.90 29.52 32.11
CA ALA A 702 -17.54 29.54 31.61
C ALA A 702 -16.70 30.61 32.31
N VAL A 703 -15.39 30.36 32.39
CA VAL A 703 -14.41 31.30 32.94
C VAL A 703 -13.23 31.35 31.99
N LYS A 704 -12.37 32.35 32.20
CA LYS A 704 -11.12 32.44 31.46
C LYS A 704 -10.24 31.27 31.84
N ALA A 705 -9.75 30.53 30.84
CA ALA A 705 -8.95 29.35 31.14
C ALA A 705 -7.68 29.77 31.86
N PHE A 706 -7.26 28.94 32.81
CA PHE A 706 -5.98 29.20 33.47
C PHE A 706 -4.84 29.25 32.46
N ALA A 707 -3.98 30.25 32.64
CA ALA A 707 -2.74 30.36 31.89
C ALA A 707 -1.74 31.16 32.72
N GLY A 708 -0.47 31.06 32.34
CA GLY A 708 0.56 31.83 33.01
C GLY A 708 1.26 31.06 34.12
N ASN A 709 1.89 31.84 35.00
CA ASN A 709 2.62 31.26 36.13
C ASN A 709 1.64 30.57 37.07
N GLN A 710 1.99 29.35 37.48
CA GLN A 710 1.15 28.55 38.36
C GLN A 710 1.69 28.48 39.78
N ASP A 711 2.67 29.31 40.14
CA ASP A 711 3.09 29.36 41.53
C ASP A 711 1.95 29.90 42.37
N GLY A 712 1.73 29.25 43.51
CA GLY A 712 0.57 29.56 44.32
C GLY A 712 -0.64 28.71 44.03
N LEU A 713 -0.65 27.95 42.92
CA LEU A 713 -1.69 26.95 42.74
C LEU A 713 -1.49 25.85 43.76
N SER A 714 -2.59 25.24 44.18
CA SER A 714 -2.49 24.15 45.13
C SER A 714 -1.86 22.93 44.46
N LYS A 715 -1.26 22.07 45.29
CA LYS A 715 -0.62 20.83 44.82
C LYS A 715 -1.54 20.04 43.87
N GLU A 716 -2.82 19.90 44.24
CA GLU A 716 -3.74 19.11 43.44
C GLU A 716 -4.01 19.75 42.08
N LEU A 717 -4.07 21.07 42.02
CA LEU A 717 -4.30 21.71 40.72
C LEU A 717 -3.01 21.74 39.90
N LYS A 718 -1.88 21.91 40.57
CA LYS A 718 -0.59 21.71 39.89
C LYS A 718 -0.51 20.32 39.28
N ASP A 719 -0.96 19.29 40.03
CA ASP A 719 -0.92 17.92 39.50
C ASP A 719 -1.86 17.73 38.31
N LEU A 720 -3.03 18.39 38.32
CA LEU A 720 -3.93 18.31 37.18
C LEU A 720 -3.34 19.03 35.97
N ARG A 721 -2.79 20.24 36.17
CA ARG A 721 -2.09 20.92 35.08
C ARG A 721 -0.94 20.08 34.56
N HIS A 722 -0.26 19.34 35.44
CA HIS A 722 0.81 18.45 34.98
C HIS A 722 0.24 17.36 34.09
N LYS A 723 -0.83 16.70 34.56
CA LYS A 723 -1.48 15.68 33.73
C LYS A 723 -1.96 16.28 32.41
N LEU A 724 -2.46 17.51 32.44
CA LEU A 724 -2.99 18.11 31.22
C LEU A 724 -1.89 18.30 30.17
N HIS A 725 -0.80 18.95 30.55
CA HIS A 725 0.19 19.26 29.52
C HIS A 725 1.03 18.06 29.15
N SER A 726 1.23 17.09 30.07
CA SER A 726 1.72 15.79 29.65
C SER A 726 0.79 15.15 28.63
N THR A 727 -0.52 15.22 28.87
CA THR A 727 -1.46 14.60 27.93
C THR A 727 -1.40 15.26 26.57
N THR A 728 -1.29 16.60 26.54
CA THR A 728 -1.17 17.31 25.28
C THR A 728 0.09 16.89 24.53
N ALA A 729 1.22 16.75 25.23
CA ALA A 729 2.44 16.32 24.55
C ALA A 729 2.30 14.90 23.99
N LYS A 730 1.66 14.00 24.75
CA LYS A 730 1.52 12.62 24.29
C LYS A 730 0.57 12.49 23.11
N VAL A 731 -0.60 13.15 23.19
CA VAL A 731 -1.55 13.09 22.09
C VAL A 731 -0.92 13.66 20.83
N SER A 732 -0.18 14.76 20.96
CA SER A 732 0.45 15.39 19.80
C SER A 732 1.46 14.45 19.15
N ASP A 733 2.24 13.77 19.97
CA ASP A 733 3.18 12.78 19.49
C ASP A 733 2.45 11.57 18.88
N ASP A 734 1.32 11.19 19.48
CA ASP A 734 0.56 10.05 18.97
C ASP A 734 -0.10 10.38 17.64
N TYR A 735 -0.60 11.62 17.47
CA TYR A 735 -1.17 11.98 16.17
C TYR A 735 -0.06 12.23 15.14
N GLY A 736 1.02 12.92 15.55
CA GLY A 736 1.96 13.46 14.59
C GLY A 736 3.10 12.52 14.22
N ARG A 737 3.70 11.86 15.19
CA ARG A 737 4.82 10.96 14.94
C ARG A 737 4.38 9.50 14.85
N ARG A 738 3.73 8.99 15.89
CA ARG A 738 3.46 7.55 15.96
C ARG A 738 2.24 7.14 15.15
N GLN A 739 1.29 8.05 14.94
CA GLN A 739 0.04 7.73 14.25
C GLN A 739 -0.68 6.54 14.91
N GLN A 740 -0.65 6.52 16.24
CA GLN A 740 -1.35 5.53 17.06
C GLN A 740 -2.48 6.27 17.80
N PHE A 741 -3.67 6.27 17.19
CA PHE A 741 -4.77 7.06 17.70
C PHE A 741 -5.43 6.44 18.93
N ASN A 742 -5.31 5.13 19.12
CA ASN A 742 -5.99 4.49 20.23
C ASN A 742 -5.36 4.90 21.55
N THR A 743 -4.03 5.01 21.58
CA THR A 743 -3.37 5.46 22.81
C THR A 743 -3.57 6.94 23.05
N ALA A 744 -3.74 7.73 21.98
CA ALA A 744 -4.11 9.13 22.16
C ALA A 744 -5.43 9.27 22.90
N ILE A 745 -6.42 8.45 22.55
CA ILE A 745 -7.72 8.51 23.22
C ILE A 745 -7.60 8.05 24.67
N ALA A 746 -6.83 6.99 24.92
CA ALA A 746 -6.65 6.54 26.30
C ALA A 746 -6.02 7.63 27.17
N ALA A 747 -5.10 8.41 26.59
CA ALA A 747 -4.45 9.45 27.38
C ALA A 747 -5.43 10.54 27.76
N VAL A 748 -6.35 10.88 26.86
CA VAL A 748 -7.38 11.85 27.21
C VAL A 748 -8.30 11.30 28.28
N MET A 749 -8.62 10.00 28.21
CA MET A 749 -9.49 9.44 29.24
C MET A 749 -8.81 9.49 30.60
N GLU A 750 -7.49 9.30 30.62
CA GLU A 750 -6.73 9.42 31.86
C GLU A 750 -6.83 10.82 32.45
N LEU A 751 -6.70 11.85 31.60
CA LEU A 751 -6.82 13.23 32.03
C LEU A 751 -8.19 13.50 32.68
N LEU A 752 -9.25 13.07 32.01
CA LEU A 752 -10.59 13.19 32.55
C LEU A 752 -10.73 12.42 33.86
N ASN A 753 -10.04 11.27 33.97
CA ASN A 753 -10.09 10.53 35.23
C ASN A 753 -9.45 11.35 36.36
N GLN A 754 -8.29 11.96 36.10
CA GLN A 754 -7.65 12.77 37.12
C GLN A 754 -8.47 14.02 37.39
N TYR A 755 -9.05 14.62 36.34
CA TYR A 755 -9.99 15.72 36.52
C TYR A 755 -11.13 15.32 37.46
N ASP A 756 -11.68 14.11 37.29
CA ASP A 756 -12.83 13.68 38.07
C ASP A 756 -12.49 13.53 39.56
N LYS A 757 -11.23 13.27 39.88
CA LYS A 757 -10.80 13.16 41.27
C LYS A 757 -10.22 14.45 41.82
N THR A 758 -10.28 15.54 41.08
CA THR A 758 -9.70 16.82 41.51
C THR A 758 -10.83 17.77 41.90
N ASP A 759 -10.74 18.31 43.11
CA ASP A 759 -11.63 19.37 43.57
C ASP A 759 -11.33 20.60 42.74
N THR A 760 -12.22 20.94 41.80
CA THR A 760 -12.08 22.13 40.98
C THR A 760 -13.11 23.21 41.33
N GLY A 761 -13.68 23.17 42.54
CA GLY A 761 -14.72 24.11 42.92
C GLY A 761 -14.26 25.55 43.17
N SER A 762 -13.00 25.75 43.55
CA SER A 762 -12.54 27.11 43.90
C SER A 762 -12.45 27.98 42.65
N GLU A 763 -12.12 29.26 42.86
CA GLU A 763 -11.90 30.16 41.74
C GLU A 763 -10.73 29.71 40.89
N GLN A 764 -9.58 29.49 41.52
CA GLN A 764 -8.45 28.94 40.77
C GLN A 764 -8.79 27.55 40.24
N GLY A 765 -9.62 26.79 40.94
CA GLY A 765 -10.01 25.48 40.44
C GLY A 765 -10.82 25.56 39.16
N ARG A 766 -11.81 26.46 39.10
CA ARG A 766 -12.61 26.58 37.89
C ARG A 766 -11.76 27.00 36.69
N ALA A 767 -10.77 27.87 36.92
CA ALA A 767 -9.90 28.28 35.82
C ALA A 767 -9.10 27.10 35.27
N VAL A 768 -8.64 26.22 36.15
CA VAL A 768 -7.92 25.03 35.69
C VAL A 768 -8.88 24.04 35.02
N ALA A 769 -10.10 23.90 35.57
CA ALA A 769 -11.09 23.03 34.92
C ALA A 769 -11.37 23.50 33.50
N GLN A 770 -11.51 24.82 33.31
CA GLN A 770 -11.73 25.35 31.97
C GLN A 770 -10.55 25.03 31.06
N GLU A 771 -9.33 25.18 31.57
CA GLU A 771 -8.15 24.85 30.79
C GLU A 771 -8.16 23.38 30.39
N VAL A 772 -8.52 22.49 31.30
CA VAL A 772 -8.52 21.06 30.98
C VAL A 772 -9.58 20.76 29.91
N LEU A 773 -10.79 21.31 30.07
CA LEU A 773 -11.85 20.96 29.13
C LEU A 773 -11.63 21.60 27.77
N GLU A 774 -11.07 22.82 27.73
CA GLU A 774 -10.75 23.42 26.44
C GLU A 774 -9.69 22.61 25.70
N ALA A 775 -8.81 21.96 26.42
CA ALA A 775 -7.79 21.17 25.75
C ALA A 775 -8.32 19.80 25.37
N ALA A 776 -9.03 19.14 26.29
CA ALA A 776 -9.65 17.85 26.01
C ALA A 776 -10.52 17.87 24.75
N VAL A 777 -11.41 18.86 24.62
CA VAL A 777 -12.31 18.79 23.46
C VAL A 777 -11.54 19.07 22.18
N ARG A 778 -10.45 19.83 22.28
CA ARG A 778 -9.64 20.05 21.10
C ARG A 778 -8.79 18.83 20.76
N LEU A 779 -8.15 18.22 21.77
CA LEU A 779 -7.38 17.00 21.54
C LEU A 779 -8.20 15.90 20.86
N LEU A 780 -9.51 15.85 21.11
CA LEU A 780 -10.36 14.80 20.58
C LEU A 780 -11.06 15.17 19.29
N TRP A 781 -11.16 16.47 19.00
CA TRP A 781 -11.83 16.98 17.80
C TRP A 781 -11.49 16.22 16.53
N PRO A 782 -10.22 15.84 16.27
CA PRO A 782 -9.95 15.01 15.08
C PRO A 782 -10.66 13.66 15.10
N ILE A 783 -10.85 13.06 16.28
CA ILE A 783 -11.51 11.75 16.35
C ILE A 783 -13.02 11.92 16.28
N VAL A 784 -13.58 12.81 17.10
CA VAL A 784 -15.02 12.94 17.28
C VAL A 784 -15.39 14.42 17.11
N PRO A 785 -15.31 14.96 15.89
CA PRO A 785 -15.41 16.42 15.72
C PRO A 785 -16.79 17.00 15.97
N HIS A 786 -17.85 16.23 15.86
CA HIS A 786 -19.19 16.82 16.04
C HIS A 786 -19.43 17.19 17.49
N ILE A 787 -19.22 16.25 18.42
CA ILE A 787 -19.43 16.55 19.82
C ILE A 787 -18.43 17.61 20.29
N CYS A 788 -17.16 17.52 19.85
CA CYS A 788 -16.15 18.47 20.32
C CYS A 788 -16.39 19.87 19.79
N GLU A 789 -16.89 19.99 18.57
CA GLU A 789 -17.32 21.29 18.05
C GLU A 789 -18.45 21.87 18.91
N THR A 790 -19.43 21.04 19.25
CA THR A 790 -20.55 21.50 20.05
C THR A 790 -20.11 21.88 21.45
N LEU A 791 -19.38 20.97 22.14
CA LEU A 791 -18.90 21.27 23.48
C LEU A 791 -17.97 22.47 23.49
N TRP A 792 -17.06 22.57 22.51
CA TRP A 792 -16.18 23.73 22.44
C TRP A 792 -16.96 25.04 22.49
N SER A 793 -18.09 25.10 21.78
CA SER A 793 -18.82 26.36 21.65
C SER A 793 -19.57 26.71 22.93
N GLU A 794 -19.98 25.72 23.72
CA GLU A 794 -20.49 26.02 25.05
C GLU A 794 -19.40 26.52 25.99
N LEU A 795 -18.13 26.22 25.69
CA LEU A 795 -17.03 26.61 26.58
C LEU A 795 -16.43 27.97 26.24
N ASN A 796 -16.47 28.38 24.98
CA ASN A 796 -15.61 29.43 24.46
C ASN A 796 -16.20 29.97 23.16
N GLY A 797 -16.19 31.30 23.01
CA GLY A 797 -16.83 31.93 21.86
C GLY A 797 -15.96 32.00 20.62
N ALA A 798 -14.64 31.86 20.77
CA ALA A 798 -13.75 31.88 19.63
C ALA A 798 -14.02 30.67 18.74
N LYS A 799 -13.58 30.77 17.49
CA LYS A 799 -13.73 29.66 16.55
C LYS A 799 -12.65 28.61 16.80
N LEU A 800 -13.07 27.35 16.90
CA LEU A 800 -12.16 26.30 17.37
C LEU A 800 -10.89 26.21 16.52
N TRP A 801 -11.01 26.38 15.21
CA TRP A 801 -9.87 26.26 14.32
C TRP A 801 -8.96 27.48 14.35
N GLU A 802 -9.43 28.59 14.88
CA GLU A 802 -8.56 29.73 15.14
C GLU A 802 -7.84 29.61 16.48
N ALA A 803 -8.49 29.03 17.50
CA ALA A 803 -7.78 28.72 18.74
C ALA A 803 -6.66 27.73 18.47
N GLY A 804 -6.91 26.75 17.60
CA GLY A 804 -5.86 25.86 17.15
C GLY A 804 -5.53 24.76 18.13
N TRP A 805 -4.50 23.99 17.76
CA TRP A 805 -4.09 22.82 18.52
C TRP A 805 -3.53 23.24 19.87
N PRO A 806 -3.87 22.55 20.95
CA PRO A 806 -3.38 22.98 22.27
C PRO A 806 -1.85 22.95 22.35
N THR A 807 -1.30 23.93 23.05
CA THR A 807 0.15 24.03 23.22
C THR A 807 0.56 23.43 24.56
N VAL A 808 1.81 22.98 24.61
CA VAL A 808 2.39 22.41 25.82
C VAL A 808 2.96 23.54 26.66
N ASP A 809 2.52 23.63 27.91
CA ASP A 809 3.08 24.57 28.89
C ASP A 809 4.16 23.82 29.65
N GLU A 810 5.43 24.03 29.26
CA GLU A 810 6.54 23.28 29.86
C GLU A 810 6.70 23.59 31.34
N ALA A 811 6.43 24.83 31.76
CA ALA A 811 6.49 25.13 33.19
C ALA A 811 5.51 24.29 33.98
N ALA A 812 4.38 23.87 33.37
CA ALA A 812 3.47 23.00 34.09
C ALA A 812 4.06 21.62 34.31
N LEU A 813 5.13 21.29 33.58
CA LEU A 813 5.76 19.98 33.60
C LEU A 813 6.92 19.89 34.59
N VAL A 814 7.18 20.92 35.38
CA VAL A 814 8.27 20.88 36.36
C VAL A 814 7.68 20.56 37.74
N LYS A 815 8.21 19.52 38.37
CA LYS A 815 7.83 19.18 39.73
C LYS A 815 8.65 20.01 40.72
N SER A 816 8.17 20.08 41.95
CA SER A 816 8.82 20.88 42.98
C SER A 816 10.16 20.26 43.35
N GLU A 817 11.04 21.08 43.94
CA GLU A 817 12.35 20.61 44.37
C GLU A 817 12.31 20.11 45.81
N ILE A 818 13.06 19.05 46.07
CA ILE A 818 13.14 18.44 47.39
C ILE A 818 14.41 18.92 48.09
N GLY A 826 29.04 10.90 58.71
CA GLY A 826 28.60 9.90 59.65
C GLY A 826 27.29 10.26 60.33
N LYS A 827 27.29 11.37 61.07
CA LYS A 827 26.09 11.83 61.75
C LYS A 827 25.27 12.68 60.78
N LEU A 828 24.75 13.81 61.23
CA LEU A 828 24.10 14.74 60.31
C LEU A 828 24.72 16.11 60.46
N ARG A 829 24.87 16.82 59.34
CA ARG A 829 25.59 18.07 59.33
C ARG A 829 25.24 18.94 58.13
N GLY A 830 24.30 18.48 57.28
CA GLY A 830 23.95 19.25 56.11
C GLY A 830 22.70 18.83 55.37
N LYS A 831 21.96 19.83 54.87
CA LYS A 831 20.77 19.63 54.05
C LYS A 831 20.99 20.27 52.68
N ILE A 832 20.46 19.62 51.63
CA ILE A 832 20.64 20.07 50.26
C ILE A 832 19.30 20.10 49.54
N THR A 833 19.21 20.96 48.53
CA THR A 833 18.00 21.11 47.72
C THR A 833 18.24 20.50 46.33
N VAL A 834 17.43 19.52 45.97
CA VAL A 834 17.63 18.73 44.76
C VAL A 834 16.42 18.88 43.86
N ALA A 835 16.66 18.78 42.55
CA ALA A 835 15.55 18.62 41.62
C ALA A 835 14.80 17.34 41.93
N ALA A 836 13.49 17.33 41.64
CA ALA A 836 12.69 16.13 41.84
C ALA A 836 13.08 15.01 40.91
N ASP A 837 13.79 15.30 39.81
CA ASP A 837 14.27 14.31 38.86
C ASP A 837 15.76 14.03 39.03
N ALA A 838 16.35 14.43 40.15
CA ALA A 838 17.77 14.26 40.36
C ALA A 838 18.11 12.79 40.60
N SER A 839 19.18 12.33 39.96
CA SER A 839 19.59 10.94 40.07
C SER A 839 20.31 10.69 41.40
N LYS A 840 20.68 9.43 41.63
CA LYS A 840 21.38 9.07 42.86
C LYS A 840 22.83 9.58 42.87
N ALA A 841 23.37 9.93 41.70
CA ALA A 841 24.68 10.58 41.63
C ALA A 841 24.62 12.10 41.71
N ASP A 842 23.44 12.70 41.45
CA ASP A 842 23.24 14.12 41.71
C ASP A 842 23.17 14.39 43.21
N LEU A 843 22.48 13.53 43.95
CA LEU A 843 22.42 13.66 45.40
C LEU A 843 23.80 13.46 46.02
N GLU A 844 24.47 12.35 45.69
CA GLU A 844 25.84 12.12 46.16
C GLU A 844 26.78 13.25 45.73
N ALA A 845 26.53 13.85 44.56
CA ALA A 845 27.28 15.03 44.16
C ALA A 845 27.08 16.17 45.15
N ALA A 846 25.84 16.62 45.32
CA ALA A 846 25.58 17.76 46.19
C ALA A 846 25.85 17.43 47.67
N ALA A 847 25.73 16.15 48.04
CA ALA A 847 26.09 15.76 49.40
C ALA A 847 27.58 15.97 49.66
N LEU A 848 28.44 15.42 48.79
CA LEU A 848 29.89 15.55 48.97
C LEU A 848 30.34 17.01 48.92
N ALA A 849 29.52 17.90 48.37
CA ALA A 849 29.85 19.31 48.24
C ALA A 849 28.91 20.19 49.06
N ASN A 850 28.78 19.90 50.34
CA ASN A 850 27.95 20.68 51.25
C ASN A 850 28.84 21.37 52.28
N GLU A 851 28.46 22.59 52.65
CA GLU A 851 29.27 23.38 53.58
C GLU A 851 29.41 22.68 54.93
N GLY A 852 28.40 21.92 55.35
CA GLY A 852 28.46 21.22 56.61
C GLY A 852 29.12 19.86 56.48
N ALA A 853 28.99 19.25 55.29
CA ALA A 853 29.71 18.01 55.03
C ALA A 853 31.22 18.24 55.09
N VAL A 854 31.73 19.11 54.22
CA VAL A 854 33.18 19.32 54.09
C VAL A 854 33.81 19.75 55.41
N LYS A 855 33.10 20.54 56.22
CA LYS A 855 33.64 20.93 57.53
C LYS A 855 33.56 19.82 58.55
N PHE A 856 32.86 18.72 58.25
CA PHE A 856 32.87 17.51 59.05
C PHE A 856 33.60 16.36 58.36
N MET A 857 34.13 16.57 57.15
CA MET A 857 34.84 15.52 56.43
C MET A 857 36.28 15.36 56.90
N GLU A 858 36.90 16.44 57.38
CA GLU A 858 38.28 16.44 57.88
C GLU A 858 39.23 15.67 56.96
N GLY A 859 39.08 15.87 55.64
CA GLY A 859 39.94 15.19 54.68
C GLY A 859 39.23 14.17 53.83
N LYS A 864 31.84 4.69 51.87
CA LYS A 864 30.53 4.58 51.22
C LYS A 864 29.71 5.87 51.40
N ILE A 865 28.85 6.13 50.42
CA ILE A 865 27.91 7.26 50.46
C ILE A 865 26.52 6.67 50.37
N ILE A 866 25.87 6.48 51.53
CA ILE A 866 24.54 5.90 51.57
C ILE A 866 23.52 6.94 51.10
N VAL A 867 22.79 6.63 50.03
CA VAL A 867 21.86 7.57 49.40
C VAL A 867 20.45 7.06 49.61
N VAL A 868 19.66 7.80 50.39
CA VAL A 868 18.22 7.55 50.48
C VAL A 868 17.52 8.63 49.68
N PRO A 869 17.01 8.31 48.48
CA PRO A 869 16.38 9.33 47.65
C PRO A 869 15.18 9.97 48.35
N GLY A 870 15.17 11.30 48.42
CA GLY A 870 14.10 12.04 49.06
C GLY A 870 14.19 12.14 50.58
N ARG A 871 15.09 11.39 51.23
CA ARG A 871 15.21 11.42 52.68
C ARG A 871 16.57 11.96 53.11
N LEU A 872 17.66 11.25 52.81
CA LEU A 872 18.95 11.60 53.38
C LEU A 872 20.06 11.01 52.52
N VAL A 873 21.24 11.59 52.67
CA VAL A 873 22.49 11.03 52.16
C VAL A 873 23.50 11.09 53.28
N ASN A 874 24.25 10.01 53.46
CA ASN A 874 25.24 9.91 54.54
C ASN A 874 26.57 9.47 53.96
N ILE A 875 27.60 10.29 54.16
CA ILE A 875 28.99 9.89 53.92
C ILE A 875 29.51 9.26 55.21
N VAL A 876 29.76 7.95 55.17
CA VAL A 876 30.14 7.20 56.36
C VAL A 876 31.46 7.69 56.96
N L3U B . -10.37 1.91 -5.64
CA L3U B . -9.28 1.07 -5.11
C L3U B . -9.87 0.23 -3.96
O L3U B . -9.28 -0.67 -3.37
CB L3U B . -8.09 1.92 -4.65
CG L3U B . -7.27 2.50 -5.80
CD1 L3U B . -6.64 1.36 -6.57
CD2 L3U B . -6.23 3.45 -5.27
C1' L3U B . -9.96 0.00 2.25
C2 L3U B . -10.39 -1.35 4.22
C2' L3U B . -9.10 -0.52 1.11
C3' L3U B . -8.87 0.79 0.34
C3U L3U B . -10.67 -2.80 6.15
C4 L3U B . -12.04 -3.19 4.14
C4' L3U B . -10.18 1.55 0.55
C5 L3U B . -12.37 -2.78 2.81
C5' L3U B . -11.09 1.59 -0.66
C6 L3U B . -11.72 -1.75 2.24
N1 L3U B . -10.74 -1.06 2.91
N3 L3U B . -11.06 -2.43 4.79
N3S L3U B . -11.21 0.53 -3.60
O1S L3U B . -12.02 -1.53 -2.38
O2 L3U B . -9.60 -0.68 4.86
O2' L3U B . -7.94 -1.11 1.66
O2S L3U B . -13.28 0.60 -2.47
O3' L3U B . -7.77 1.56 0.81
O4 L3U B . -12.53 -4.16 4.71
O4' L3U B . -10.85 0.93 1.66
O5' L3U B . -11.33 0.21 -1.02
S L3U B . -12.06 -0.11 -2.39
ZN ZN C . -5.34 6.44 -42.95
C1 EDO D . 9.71 9.92 1.80
O1 EDO D . 9.17 8.71 2.36
C2 EDO D . 10.18 10.84 2.92
O2 EDO D . 11.04 10.09 3.79
C1 EDO E . -3.60 27.37 23.46
O1 EDO E . -4.70 27.92 22.73
C2 EDO E . -4.07 26.84 24.81
O2 EDO E . -3.60 25.48 24.94
MG MG F . 14.05 12.63 2.27
#